data_6M7L
#
_entry.id   6M7L
#
_cell.length_a   118.834
_cell.length_b   87.344
_cell.length_c   95.955
_cell.angle_alpha   90.000
_cell.angle_beta   95.769
_cell.angle_gamma   90.000
#
_symmetry.space_group_name_H-M   'C 1 2 1'
#
loop_
_entity.id
_entity.type
_entity.pdbx_description
1 polymer 'Putative non-ribosomal peptide synthetase'
2 polymer 'Putative cytochrome P450 hydroxylase'
3 non-polymer 'PROTOPORPHYRIN IX CONTAINING FE'
#
loop_
_entity_poly.entity_id
_entity_poly.type
_entity_poly.pdbx_seq_one_letter_code
_entity_poly.pdbx_strand_id
1 'polypeptide(L)'
;GAMARPVLGPGRRADLDPDGPLPVTARQRRMWLLSRIGDEAEGLHVRVALRLRGRLDRDALAGALADVGGRHEILRTRFP
GSRRDVRQEILDAETGRPPLEICPATEDELPGLLADRAGRPFDLTGEVPWRAHLFPLTDREQVLLVVAHRIAADEESVDV
LVRDLAAAYGARREGRIPERAPLALQFADYALWERELLAGADERDSLIWDQIEFWRDRLAGGDDEHADTSAPPAGRARPV
LPSRRAGSVPLRLPADSHARLLEAARSAGGTMFTAVHAALAMLLSRLDGRTSVTIGTRLPRDEEQTGLVPMVGPFSRWLA
LPVDLSGDPAFTEILGRARDVSEDAHRHQDLPFERLAELVVPVPSITRHPIFQVALQLDEDDVRPEESWALPGLRTSPVP
MPEEAMELDLWLKLLDHRTDEGDADGLVGSLVYAEDRFDRAGAEALAQRLVALLEQVGAAPEVRLSQVDVPGSELESAWS
HPQFEK
;
B
2 'polypeptide(L)'
;MGSSHHHHHHSSGLVPRGSHMVAPEHRVLHLRDRLDLAAELKLLCERGPLVRIPLEDGSAVHWFALGYDVVREVLGSEKF
DKRVIGTHFNHQEMALPGNLLQLDPPEHTRLRRMVAPAYSVRRMQALEPRVQAIVDDHLDTMASTGPPVEFLREVAGPMA
ARVACEFLGIPLDDRGELIRLTAHRGGKRRRVLNGHAYLAYMRELAARLRRDPGDGMLGMVARDHGADISDEELAGLCAV
VMNSSVEQTESCLAAGTLLLLEHPEQFALLRERPELGEQAVEEIVRYLSVFEGLDPRTATEDVEIGGQVIKKGEAVFCSL
LAANRADPALDGFDITRKESRHVAFGHGIHHCLGAPLARMELRIAFTTLVSRFPSLRTAVPAEEIRFRPPSSNVFTLLEL
PLTW
;
A
#
loop_
_chem_comp.id
_chem_comp.type
_chem_comp.name
_chem_comp.formula
HEM non-polymer 'PROTOPORPHYRIN IX CONTAINING FE' 'C34 H32 Fe N4 O4'
#
# COMPACT_ATOMS: atom_id res chain seq x y z
N PRO A 21 -26.98 14.55 -22.10
CA PRO A 21 -26.62 15.66 -21.22
C PRO A 21 -26.08 15.19 -19.88
N LEU A 22 -24.80 14.83 -19.84
CA LEU A 22 -24.18 14.31 -18.63
C LEU A 22 -23.63 15.46 -17.80
N PRO A 23 -24.12 15.69 -16.59
CA PRO A 23 -23.66 16.84 -15.81
C PRO A 23 -22.26 16.64 -15.27
N VAL A 24 -21.62 17.77 -14.96
CA VAL A 24 -20.35 17.76 -14.26
C VAL A 24 -20.62 18.05 -12.79
N THR A 25 -19.57 17.98 -11.98
CA THR A 25 -19.68 18.25 -10.55
C THR A 25 -19.27 19.68 -10.23
N ALA A 26 -19.55 20.09 -9.00
CA ALA A 26 -19.17 21.43 -8.56
C ALA A 26 -17.66 21.62 -8.66
N ARG A 27 -16.88 20.63 -8.25
CA ARG A 27 -15.43 20.72 -8.37
C ARG A 27 -15.02 20.75 -9.84
N GLN A 28 -15.61 19.88 -10.67
CA GLN A 28 -15.31 19.91 -12.10
C GLN A 28 -15.67 21.26 -12.70
N ARG A 29 -16.81 21.83 -12.28
CA ARG A 29 -17.21 23.14 -12.77
C ARG A 29 -16.13 24.19 -12.49
N ARG A 30 -15.62 24.22 -11.26
CA ARG A 30 -14.58 25.18 -10.93
C ARG A 30 -13.27 24.87 -11.65
N MET A 31 -12.92 23.58 -11.73
CA MET A 31 -11.68 23.20 -12.41
C MET A 31 -11.73 23.56 -13.89
N TRP A 32 -12.88 23.36 -14.53
CA TRP A 32 -13.01 23.72 -15.94
C TRP A 32 -12.81 25.22 -16.15
N LEU A 33 -13.45 26.03 -15.31
CA LEU A 33 -13.33 27.48 -15.43
C LEU A 33 -11.88 27.94 -15.27
N LEU A 34 -11.23 27.50 -14.19
CA LEU A 34 -9.85 27.90 -13.95
C LEU A 34 -8.89 27.32 -14.98
N SER A 35 -9.32 26.34 -15.79
CA SER A 35 -8.47 25.81 -16.85
C SER A 35 -8.36 26.76 -18.03
N ARG A 36 -9.23 27.76 -18.12
CA ARG A 36 -9.22 28.71 -19.23
C ARG A 36 -8.51 29.99 -18.80
N ILE A 37 -7.19 29.88 -18.59
CA ILE A 37 -6.44 31.02 -18.07
C ILE A 37 -5.12 31.17 -18.84
N GLY A 38 -4.49 30.06 -19.22
CA GLY A 38 -3.39 30.11 -20.17
C GLY A 38 -2.07 29.66 -19.57
N ASP A 39 -1.05 29.69 -20.42
CA ASP A 39 0.26 29.11 -20.09
C ASP A 39 0.90 29.79 -18.89
N GLU A 40 0.69 31.11 -18.74
CA GLU A 40 1.31 31.84 -17.63
C GLU A 40 0.96 31.22 -16.29
N ALA A 41 -0.31 30.86 -16.09
CA ALA A 41 -0.72 30.16 -14.89
C ALA A 41 -0.45 28.67 -15.04
N GLU A 42 0.29 28.10 -14.11
CA GLU A 42 0.54 26.66 -14.13
C GLU A 42 -0.77 25.90 -14.06
N GLY A 43 -0.91 24.89 -14.92
CA GLY A 43 -2.12 24.10 -14.92
C GLY A 43 -2.32 23.41 -13.58
N LEU A 44 -3.57 23.38 -13.14
CA LEU A 44 -3.93 22.66 -11.91
C LEU A 44 -4.03 21.18 -12.27
N HIS A 45 -2.90 20.49 -12.15
CA HIS A 45 -2.77 19.10 -12.55
C HIS A 45 -2.21 18.27 -11.42
N VAL A 46 -2.52 16.99 -11.44
CA VAL A 46 -1.77 15.99 -10.69
C VAL A 46 -0.82 15.33 -11.68
N ARG A 47 0.34 14.88 -11.17
CA ARG A 47 1.32 14.30 -12.07
C ARG A 47 2.26 13.40 -11.30
N VAL A 48 2.77 12.39 -12.01
CA VAL A 48 3.68 11.41 -11.44
C VAL A 48 4.76 11.09 -12.47
N ALA A 49 6.01 11.10 -12.04
CA ALA A 49 7.14 10.73 -12.88
C ALA A 49 7.72 9.41 -12.36
N LEU A 50 7.84 8.44 -13.25
CA LEU A 50 8.29 7.09 -12.89
C LEU A 50 9.59 6.79 -13.62
N ARG A 51 10.63 6.45 -12.87
CA ARG A 51 11.85 5.94 -13.46
C ARG A 51 11.67 4.45 -13.73
N LEU A 52 11.89 4.04 -14.97
CA LEU A 52 11.66 2.67 -15.41
C LEU A 52 12.97 2.13 -15.99
N ARG A 53 13.71 1.38 -15.16
CA ARG A 53 14.95 0.75 -15.62
C ARG A 53 14.65 -0.65 -16.14
N GLY A 54 15.07 -0.92 -17.37
CA GLY A 54 14.84 -2.18 -18.03
C GLY A 54 14.30 -1.99 -19.43
N ARG A 55 14.13 -3.11 -20.12
CA ARG A 55 13.60 -3.09 -21.48
C ARG A 55 12.10 -2.79 -21.45
N LEU A 56 11.73 -1.58 -21.86
CA LEU A 56 10.34 -1.17 -21.88
C LEU A 56 9.72 -1.50 -23.23
N ASP A 57 8.56 -2.16 -23.20
CA ASP A 57 7.80 -2.45 -24.41
C ASP A 57 6.92 -1.24 -24.69
N ARG A 58 7.43 -0.35 -25.55
CA ARG A 58 6.75 0.92 -25.79
C ARG A 58 5.34 0.72 -26.33
N ASP A 59 5.15 -0.27 -27.20
CA ASP A 59 3.82 -0.50 -27.75
C ASP A 59 2.89 -1.12 -26.70
N ALA A 60 3.45 -1.84 -25.72
CA ALA A 60 2.63 -2.32 -24.62
C ALA A 60 2.28 -1.19 -23.65
N LEU A 61 3.24 -0.28 -23.42
CA LEU A 61 2.97 0.89 -22.59
C LEU A 61 1.86 1.74 -23.20
N ALA A 62 1.88 1.91 -24.53
CA ALA A 62 0.81 2.65 -25.19
C ALA A 62 -0.52 1.93 -25.03
N GLY A 63 -0.53 0.60 -25.20
CA GLY A 63 -1.76 -0.15 -25.00
C GLY A 63 -2.24 -0.10 -23.56
N ALA A 64 -1.31 -0.18 -22.61
CA ALA A 64 -1.68 -0.12 -21.20
C ALA A 64 -2.26 1.24 -20.84
N LEU A 65 -1.68 2.31 -21.39
CA LEU A 65 -2.23 3.65 -21.18
C LEU A 65 -3.67 3.72 -21.68
N ALA A 66 -3.92 3.21 -22.90
CA ALA A 66 -5.29 3.15 -23.41
C ALA A 66 -6.18 2.28 -22.54
N ASP A 67 -5.62 1.22 -21.93
CA ASP A 67 -6.41 0.34 -21.08
C ASP A 67 -6.85 1.06 -19.81
N VAL A 68 -5.96 1.84 -19.21
CA VAL A 68 -6.35 2.66 -18.05
C VAL A 68 -7.47 3.60 -18.44
N GLY A 69 -7.36 4.23 -19.62
CA GLY A 69 -8.43 5.10 -20.09
C GLY A 69 -9.72 4.35 -20.32
N GLY A 70 -9.64 3.13 -20.86
CA GLY A 70 -10.83 2.33 -21.01
C GLY A 70 -11.45 1.92 -19.70
N ARG A 71 -10.61 1.74 -18.67
CA ARG A 71 -11.11 1.31 -17.37
C ARG A 71 -11.82 2.45 -16.65
N HIS A 72 -11.33 3.67 -16.78
CA HIS A 72 -11.91 4.84 -16.13
C HIS A 72 -12.48 5.75 -17.21
N GLU A 73 -13.82 5.80 -17.31
CA GLU A 73 -14.46 6.65 -18.30
C GLU A 73 -14.01 8.10 -18.19
N ILE A 74 -13.76 8.56 -16.96
CA ILE A 74 -13.43 9.98 -16.76
C ILE A 74 -12.12 10.34 -17.46
N LEU A 75 -11.20 9.38 -17.62
CA LEU A 75 -9.96 9.66 -18.32
C LEU A 75 -10.16 9.80 -19.82
N ARG A 76 -11.25 9.25 -20.36
CA ARG A 76 -11.61 9.47 -21.76
C ARG A 76 -12.83 10.39 -21.88
N THR A 77 -13.06 11.22 -20.87
CA THR A 77 -14.17 12.17 -20.87
C THR A 77 -13.70 13.54 -21.33
N ARG A 78 -14.52 14.20 -22.14
CA ARG A 78 -14.24 15.54 -22.61
C ARG A 78 -15.27 16.51 -22.06
N PHE A 79 -14.90 17.79 -22.00
CA PHE A 79 -15.71 18.81 -21.32
C PHE A 79 -15.99 19.98 -22.25
N PRO A 80 -16.89 19.82 -23.20
CA PRO A 80 -17.31 20.95 -24.03
C PRO A 80 -18.40 21.75 -23.36
N GLY A 81 -18.52 23.00 -23.76
CA GLY A 81 -19.50 23.90 -23.22
C GLY A 81 -19.00 25.33 -23.23
N SER A 82 -19.56 26.14 -22.33
CA SER A 82 -19.24 27.55 -22.27
C SER A 82 -19.34 28.03 -20.83
N ARG A 83 -19.31 29.35 -20.65
CA ARG A 83 -19.33 29.95 -19.32
C ARG A 83 -20.56 29.54 -18.53
N ARG A 84 -21.69 29.33 -19.21
CA ARG A 84 -22.94 29.04 -18.52
C ARG A 84 -23.16 27.55 -18.28
N ASP A 85 -22.52 26.68 -19.06
CA ASP A 85 -22.84 25.26 -18.97
C ASP A 85 -21.69 24.43 -19.52
N VAL A 86 -21.30 23.40 -18.78
CA VAL A 86 -20.27 22.45 -19.19
C VAL A 86 -20.86 21.05 -19.18
N ARG A 87 -20.48 20.24 -20.16
CA ARG A 87 -21.03 18.91 -20.35
C ARG A 87 -19.91 17.87 -20.30
N GLN A 88 -20.24 16.68 -19.80
CA GLN A 88 -19.31 15.56 -19.74
C GLN A 88 -19.52 14.68 -20.98
N GLU A 89 -18.58 14.74 -21.92
CA GLU A 89 -18.64 13.94 -23.14
C GLU A 89 -17.67 12.76 -23.01
N ILE A 90 -18.21 11.56 -22.86
CA ILE A 90 -17.40 10.36 -22.67
C ILE A 90 -17.10 9.74 -24.02
N LEU A 91 -15.82 9.65 -24.36
CA LEU A 91 -15.38 9.00 -25.58
C LEU A 91 -15.14 7.50 -25.33
N ASP A 92 -14.93 6.76 -26.43
CA ASP A 92 -14.57 5.37 -26.30
C ASP A 92 -13.08 5.24 -25.99
N ALA A 93 -12.61 4.00 -25.82
CA ALA A 93 -11.22 3.78 -25.44
C ALA A 93 -10.27 4.21 -26.54
N GLU A 94 -10.59 3.89 -27.80
CA GLU A 94 -9.68 4.17 -28.90
C GLU A 94 -9.63 5.67 -29.19
N THR A 95 -10.70 6.23 -29.76
CA THR A 95 -10.80 7.67 -29.90
C THR A 95 -10.97 8.27 -28.52
N GLY A 96 -9.91 8.88 -28.00
CA GLY A 96 -9.88 9.30 -26.61
C GLY A 96 -8.84 8.59 -25.78
N ARG A 97 -7.99 7.77 -26.39
CA ARG A 97 -6.80 7.30 -25.71
C ARG A 97 -5.91 8.51 -25.38
N PRO A 98 -5.13 8.44 -24.31
CA PRO A 98 -4.25 9.56 -23.98
C PRO A 98 -3.13 9.67 -24.99
N PRO A 99 -2.69 10.88 -25.31
CA PRO A 99 -1.49 11.03 -26.14
C PRO A 99 -0.25 10.57 -25.39
N LEU A 100 0.73 10.07 -26.14
CA LEU A 100 1.97 9.57 -25.58
C LEU A 100 3.13 10.22 -26.35
N GLU A 101 3.71 11.26 -25.77
CA GLU A 101 4.90 11.87 -26.34
C GLU A 101 6.12 11.01 -26.01
N ILE A 102 6.97 10.83 -27.02
CA ILE A 102 8.25 10.13 -26.86
C ILE A 102 9.33 11.16 -27.13
N CYS A 103 10.04 11.57 -26.07
CA CYS A 103 10.96 12.69 -26.13
C CYS A 103 12.33 12.26 -25.60
N PRO A 104 13.20 11.77 -26.49
CA PRO A 104 14.55 11.36 -26.05
C PRO A 104 15.27 12.49 -25.34
N ALA A 105 15.91 12.16 -24.23
CA ALA A 105 16.52 13.18 -23.39
C ALA A 105 17.73 12.60 -22.66
N THR A 106 18.48 13.49 -22.02
CA THR A 106 19.51 13.13 -21.07
C THR A 106 19.06 13.57 -19.68
N GLU A 107 19.52 12.83 -18.66
CA GLU A 107 19.21 13.15 -17.27
C GLU A 107 19.35 14.65 -17.00
N ASP A 108 20.46 15.20 -17.49
CA ASP A 108 20.73 16.63 -17.63
C ASP A 108 19.46 17.48 -17.73
N GLU A 109 18.61 17.18 -18.71
CA GLU A 109 17.48 18.04 -19.05
C GLU A 109 16.13 17.50 -18.59
N LEU A 110 16.12 16.45 -17.78
CA LEU A 110 14.86 15.90 -17.27
C LEU A 110 14.14 16.85 -16.32
N PRO A 111 14.82 17.54 -15.40
CA PRO A 111 14.10 18.50 -14.55
C PRO A 111 13.28 19.52 -15.33
N GLY A 112 13.86 20.13 -16.38
CA GLY A 112 13.12 21.12 -17.14
C GLY A 112 11.98 20.51 -17.95
N LEU A 113 12.23 19.35 -18.55
CA LEU A 113 11.20 18.70 -19.35
C LEU A 113 10.00 18.30 -18.49
N LEU A 114 10.26 17.70 -17.32
CA LEU A 114 9.17 17.28 -16.46
C LEU A 114 8.31 18.47 -16.01
N ALA A 115 8.97 19.57 -15.63
CA ALA A 115 8.23 20.75 -15.20
C ALA A 115 7.41 21.34 -16.35
N ASP A 116 8.01 21.46 -17.53
CA ASP A 116 7.30 22.00 -18.67
C ASP A 116 6.10 21.13 -19.06
N ARG A 117 6.34 19.82 -19.21
CA ARG A 117 5.25 18.93 -19.62
C ARG A 117 4.16 18.85 -18.57
N ALA A 118 4.50 18.97 -17.29
CA ALA A 118 3.50 18.94 -16.24
C ALA A 118 2.65 20.21 -16.25
N GLY A 119 3.22 21.32 -16.70
CA GLY A 119 2.51 22.59 -16.72
C GLY A 119 1.74 22.91 -17.98
N ARG A 120 2.00 22.18 -19.06
CA ARG A 120 1.32 22.45 -20.33
C ARG A 120 -0.19 22.39 -20.14
N PRO A 121 -0.92 23.42 -20.51
CA PRO A 121 -2.36 23.46 -20.23
C PRO A 121 -3.13 22.44 -21.06
N PHE A 122 -4.30 22.07 -20.56
CA PHE A 122 -5.23 21.22 -21.26
C PHE A 122 -6.34 22.06 -21.88
N ASP A 123 -6.74 21.69 -23.10
CA ASP A 123 -7.95 22.22 -23.72
C ASP A 123 -9.04 21.18 -23.46
N LEU A 124 -9.67 21.29 -22.29
CA LEU A 124 -10.63 20.29 -21.84
C LEU A 124 -11.85 20.17 -22.74
N THR A 125 -12.07 21.11 -23.65
CA THR A 125 -13.21 20.99 -24.56
C THR A 125 -12.94 19.98 -25.67
N GLY A 126 -11.69 19.86 -26.12
CA GLY A 126 -11.36 18.94 -27.18
C GLY A 126 -10.19 18.02 -26.90
N GLU A 127 -10.01 17.66 -25.63
CA GLU A 127 -8.92 16.78 -25.24
C GLU A 127 -9.33 15.96 -24.03
N VAL A 128 -8.86 14.72 -23.97
CA VAL A 128 -9.04 13.90 -22.78
C VAL A 128 -8.19 14.52 -21.67
N PRO A 129 -8.58 14.38 -20.41
CA PRO A 129 -7.92 15.17 -19.35
C PRO A 129 -6.65 14.54 -18.80
N TRP A 130 -5.93 13.79 -19.61
CA TRP A 130 -4.63 13.29 -19.17
C TRP A 130 -3.78 12.97 -20.39
N ARG A 131 -2.47 12.86 -20.16
CA ARG A 131 -1.50 12.60 -21.22
C ARG A 131 -0.24 12.04 -20.58
N ALA A 132 0.61 11.46 -21.41
CA ALA A 132 1.82 10.80 -20.98
C ALA A 132 3.00 11.27 -21.81
N HIS A 133 4.15 11.47 -21.15
CA HIS A 133 5.37 11.91 -21.81
C HIS A 133 6.49 10.94 -21.47
N LEU A 134 6.91 10.16 -22.46
CA LEU A 134 7.99 9.20 -22.26
C LEU A 134 9.31 9.85 -22.64
N PHE A 135 10.33 9.66 -21.79
CA PHE A 135 11.65 10.27 -21.98
C PHE A 135 12.71 9.17 -22.04
N PRO A 136 13.03 8.67 -23.23
CA PRO A 136 14.07 7.64 -23.34
C PRO A 136 15.45 8.20 -23.00
N LEU A 137 16.10 7.55 -22.04
CA LEU A 137 17.46 7.89 -21.65
C LEU A 137 18.48 6.92 -22.24
N THR A 138 18.26 5.63 -22.06
CA THR A 138 18.98 4.57 -22.74
C THR A 138 17.97 3.56 -23.24
N ASP A 139 18.46 2.47 -23.85
CA ASP A 139 17.56 1.40 -24.26
C ASP A 139 17.02 0.62 -23.08
N ARG A 140 17.61 0.77 -21.90
CA ARG A 140 17.19 0.06 -20.69
C ARG A 140 16.77 1.01 -19.58
N GLU A 141 16.68 2.32 -19.84
CA GLU A 141 16.30 3.28 -18.82
C GLU A 141 15.50 4.40 -19.47
N GLN A 142 14.28 4.62 -18.96
CA GLN A 142 13.43 5.71 -19.41
C GLN A 142 12.79 6.35 -18.18
N VAL A 143 12.23 7.54 -18.37
CA VAL A 143 11.42 8.20 -17.36
C VAL A 143 10.07 8.53 -17.98
N LEU A 144 9.00 8.06 -17.34
CA LEU A 144 7.64 8.27 -17.80
C LEU A 144 6.95 9.30 -16.92
N LEU A 145 6.33 10.29 -17.55
CA LEU A 145 5.55 11.30 -16.85
C LEU A 145 4.09 11.14 -17.23
N VAL A 146 3.22 11.09 -16.24
CA VAL A 146 1.78 11.06 -16.45
C VAL A 146 1.20 12.31 -15.81
N VAL A 147 0.50 13.11 -16.61
CA VAL A 147 -0.17 14.32 -16.14
C VAL A 147 -1.67 14.11 -16.31
N ALA A 148 -2.44 14.50 -15.30
CA ALA A 148 -3.89 14.41 -15.35
C ALA A 148 -4.47 15.68 -14.76
N HIS A 149 -5.42 16.29 -15.48
CA HIS A 149 -6.04 17.50 -14.98
C HIS A 149 -6.89 17.20 -13.75
N ARG A 150 -6.91 18.12 -12.79
CA ARG A 150 -7.63 17.88 -11.55
C ARG A 150 -9.14 17.87 -11.74
N ILE A 151 -9.63 18.15 -12.94
CA ILE A 151 -11.05 17.94 -13.24
C ILE A 151 -11.37 16.46 -13.34
N ALA A 152 -10.34 15.61 -13.49
CA ALA A 152 -10.53 14.18 -13.64
C ALA A 152 -9.83 13.35 -12.59
N ALA A 153 -8.84 13.90 -11.88
CA ALA A 153 -8.03 13.11 -10.97
C ALA A 153 -7.64 13.95 -9.77
N ASP A 154 -7.78 13.37 -8.58
CA ASP A 154 -7.35 14.04 -7.36
C ASP A 154 -5.98 13.49 -6.94
N GLU A 155 -5.55 13.82 -5.72
CA GLU A 155 -4.25 13.35 -5.24
C GLU A 155 -4.24 11.83 -5.16
N GLU A 156 -5.29 11.24 -4.56
CA GLU A 156 -5.37 9.79 -4.42
C GLU A 156 -5.47 9.08 -5.75
N SER A 157 -5.95 9.75 -6.80
CA SER A 157 -6.07 9.11 -8.11
C SER A 157 -4.71 8.81 -8.72
N VAL A 158 -3.66 9.52 -8.32
CA VAL A 158 -2.33 9.26 -8.87
C VAL A 158 -1.89 7.85 -8.53
N ASP A 159 -2.09 7.45 -7.27
CA ASP A 159 -1.81 6.08 -6.86
C ASP A 159 -2.64 5.09 -7.67
N VAL A 160 -3.94 5.36 -7.81
CA VAL A 160 -4.81 4.50 -8.61
C VAL A 160 -4.34 4.47 -10.06
N LEU A 161 -3.94 5.63 -10.58
CA LEU A 161 -3.42 5.70 -11.96
C LEU A 161 -2.26 4.75 -12.15
N VAL A 162 -1.24 4.85 -11.30
CA VAL A 162 -0.03 4.07 -11.47
C VAL A 162 -0.30 2.58 -11.25
N ARG A 163 -1.08 2.25 -10.23
CA ARG A 163 -1.39 0.84 -9.95
C ARG A 163 -2.14 0.21 -11.12
N ASP A 164 -3.13 0.92 -11.67
CA ASP A 164 -3.87 0.38 -12.80
C ASP A 164 -3.05 0.39 -14.09
N LEU A 165 -2.10 1.32 -14.22
CA LEU A 165 -1.20 1.29 -15.35
C LEU A 165 -0.22 0.14 -15.24
N ALA A 166 0.22 -0.17 -14.02
CA ALA A 166 1.08 -1.32 -13.80
C ALA A 166 0.34 -2.62 -14.12
N ALA A 167 -0.91 -2.73 -13.67
CA ALA A 167 -1.70 -3.94 -13.95
C ALA A 167 -1.91 -4.11 -15.45
N ALA A 168 -2.18 -3.01 -16.16
CA ALA A 168 -2.42 -3.11 -17.59
C ALA A 168 -1.14 -3.40 -18.35
N TYR A 169 -0.01 -2.84 -17.90
CA TYR A 169 1.25 -3.06 -18.60
C TYR A 169 1.71 -4.51 -18.47
N GLY A 170 1.55 -5.09 -17.28
CA GLY A 170 1.96 -6.48 -17.10
C GLY A 170 1.24 -7.42 -18.04
N ALA A 171 -0.03 -7.15 -18.31
CA ALA A 171 -0.78 -7.97 -19.27
C ALA A 171 -0.39 -7.62 -20.70
N ARG A 172 -0.23 -6.33 -21.01
CA ARG A 172 0.11 -5.91 -22.36
C ARG A 172 1.51 -6.38 -22.76
N ARG A 173 2.45 -6.35 -21.83
CA ARG A 173 3.81 -6.80 -22.14
C ARG A 173 3.87 -8.29 -22.43
N GLU A 174 2.82 -9.04 -22.09
CA GLU A 174 2.69 -10.44 -22.43
C GLU A 174 1.72 -10.66 -23.59
N GLY A 175 1.53 -9.66 -24.43
CA GLY A 175 0.66 -9.78 -25.59
C GLY A 175 -0.76 -10.16 -25.25
N ARG A 176 -1.30 -9.62 -24.16
CA ARG A 176 -2.61 -10.02 -23.67
C ARG A 176 -3.38 -8.79 -23.21
N ILE A 177 -4.70 -8.85 -23.37
CA ILE A 177 -5.60 -7.79 -22.92
C ILE A 177 -5.70 -7.88 -21.40
N PRO A 178 -5.66 -6.76 -20.68
CA PRO A 178 -5.74 -6.82 -19.21
C PRO A 178 -7.01 -7.52 -18.74
N GLU A 179 -6.83 -8.46 -17.83
CA GLU A 179 -7.91 -9.27 -17.27
C GLU A 179 -8.17 -8.77 -15.85
N ARG A 180 -9.16 -7.90 -15.69
CA ARG A 180 -9.46 -7.29 -14.40
C ARG A 180 -10.96 -7.20 -14.20
N ALA A 181 -11.38 -7.31 -12.95
CA ALA A 181 -12.77 -7.03 -12.60
C ALA A 181 -13.07 -5.55 -12.88
N PRO A 182 -14.10 -5.25 -13.65
CA PRO A 182 -14.35 -3.85 -14.03
C PRO A 182 -14.81 -3.02 -12.84
N LEU A 183 -14.89 -1.72 -13.06
CA LEU A 183 -15.35 -0.79 -12.05
C LEU A 183 -16.85 -0.97 -11.80
N ALA A 184 -17.23 -1.06 -10.52
CA ALA A 184 -18.64 -1.09 -10.18
C ALA A 184 -19.30 0.25 -10.49
N LEU A 185 -18.71 1.33 -9.98
CA LEU A 185 -19.19 2.68 -10.22
C LEU A 185 -18.23 3.40 -11.16
N GLN A 186 -18.78 4.21 -12.05
CA GLN A 186 -18.00 5.15 -12.85
C GLN A 186 -18.25 6.56 -12.33
N PHE A 187 -17.39 7.49 -12.73
CA PHE A 187 -17.54 8.84 -12.21
C PHE A 187 -18.83 9.50 -12.70
N ALA A 188 -19.34 9.08 -13.86
CA ALA A 188 -20.65 9.57 -14.31
C ALA A 188 -21.71 9.29 -13.26
N ASP A 189 -21.63 8.15 -12.58
CA ASP A 189 -22.56 7.87 -11.50
C ASP A 189 -22.37 8.85 -10.35
N TYR A 190 -21.13 9.26 -10.09
CA TYR A 190 -20.89 10.22 -9.01
C TYR A 190 -21.40 11.61 -9.38
N ALA A 191 -21.28 11.98 -10.65
CA ALA A 191 -21.76 13.30 -11.09
C ALA A 191 -23.28 13.39 -10.99
N LEU A 192 -23.98 12.31 -11.36
CA LEU A 192 -25.43 12.28 -11.21
C LEU A 192 -25.83 12.24 -9.75
N TRP A 193 -25.12 11.45 -8.95
CA TRP A 193 -25.39 11.40 -7.51
C TRP A 193 -25.23 12.78 -6.88
N GLU A 194 -24.24 13.55 -7.34
CA GLU A 194 -24.10 14.91 -6.83
C GLU A 194 -25.21 15.81 -7.33
N ARG A 195 -25.62 15.66 -8.59
CA ARG A 195 -26.73 16.47 -9.10
C ARG A 195 -28.03 16.13 -8.38
N GLU A 196 -28.14 14.91 -7.84
CA GLU A 196 -29.36 14.48 -7.16
C GLU A 196 -29.40 15.04 -5.73
N LEU A 197 -28.74 14.35 -4.79
CA LEU A 197 -28.75 14.78 -3.40
C LEU A 197 -28.01 16.10 -3.26
N LEU A 198 -28.64 17.17 -3.74
CA LEU A 198 -28.10 18.52 -3.82
C LEU A 198 -29.13 19.39 -4.53
N ALA A 199 -30.05 18.73 -5.24
CA ALA A 199 -31.10 19.43 -5.96
C ALA A 199 -32.07 20.15 -5.03
N GLY A 200 -32.13 19.76 -3.76
CA GLY A 200 -32.96 20.44 -2.79
C GLY A 200 -32.27 21.64 -2.19
N ALA A 201 -31.49 22.36 -3.00
CA ALA A 201 -30.79 23.55 -2.52
C ALA A 201 -31.78 24.64 -2.13
N ASP A 202 -32.80 24.87 -2.96
CA ASP A 202 -33.81 25.89 -2.69
C ASP A 202 -35.06 25.20 -2.15
N GLU A 203 -35.01 24.88 -0.86
CA GLU A 203 -36.14 24.26 -0.17
C GLU A 203 -35.92 24.41 1.33
N ARG A 204 -36.83 25.12 2.00
CA ARG A 204 -36.72 25.38 3.43
C ARG A 204 -36.53 24.09 4.21
N ASP A 205 -35.51 24.08 5.08
CA ASP A 205 -35.19 22.98 5.98
C ASP A 205 -34.79 21.69 5.25
N SER A 206 -34.29 21.81 4.02
CA SER A 206 -33.77 20.64 3.33
C SER A 206 -32.40 20.26 3.88
N LEU A 207 -31.93 19.07 3.50
CA LEU A 207 -30.64 18.57 3.98
C LEU A 207 -29.51 19.51 3.59
N ILE A 208 -29.32 19.73 2.29
CA ILE A 208 -28.28 20.64 1.83
C ILE A 208 -28.65 22.09 2.15
N TRP A 209 -29.95 22.41 2.12
CA TRP A 209 -30.38 23.74 2.52
C TRP A 209 -29.96 24.05 3.96
N ASP A 210 -30.13 23.09 4.86
CA ASP A 210 -29.62 23.26 6.22
C ASP A 210 -28.11 23.51 6.21
N GLN A 211 -27.39 22.84 5.30
CA GLN A 211 -25.94 23.00 5.26
C GLN A 211 -25.54 24.32 4.60
N ILE A 212 -26.22 24.71 3.53
CA ILE A 212 -25.96 26.01 2.92
C ILE A 212 -26.18 27.12 3.95
N GLU A 213 -27.25 27.02 4.73
CA GLU A 213 -27.50 28.00 5.78
C GLU A 213 -26.43 27.95 6.86
N PHE A 214 -25.92 26.75 7.15
CA PHE A 214 -24.90 26.60 8.19
C PHE A 214 -23.65 27.39 7.84
N TRP A 215 -23.17 27.27 6.60
CA TRP A 215 -21.92 27.92 6.21
C TRP A 215 -22.09 29.43 6.01
N ARG A 216 -23.27 29.88 5.59
CA ARG A 216 -23.51 31.31 5.50
C ARG A 216 -23.33 31.98 6.87
N ASP A 217 -24.06 31.50 7.88
CA ASP A 217 -23.91 32.03 9.22
C ASP A 217 -22.52 31.76 9.79
N ARG A 218 -21.92 30.64 9.41
CA ARG A 218 -20.58 30.33 9.91
C ARG A 218 -19.54 31.30 9.34
N LEU A 219 -19.72 31.72 8.10
CA LEU A 219 -18.81 32.66 7.46
C LEU A 219 -19.47 34.03 7.30
N ARG A 238 -1.03 41.50 -5.06
CA ARG A 238 -1.38 40.28 -5.77
C ARG A 238 -1.40 40.49 -7.28
N PRO A 239 -0.79 39.58 -8.03
CA PRO A 239 -0.82 39.69 -9.48
C PRO A 239 -2.22 39.38 -10.01
N VAL A 240 -2.59 40.08 -11.09
CA VAL A 240 -3.91 39.83 -11.65
C VAL A 240 -3.96 38.46 -12.30
N LEU A 241 -2.83 37.94 -12.76
CA LEU A 241 -2.75 36.59 -13.31
C LEU A 241 -1.78 35.75 -12.50
N PRO A 242 -2.25 34.72 -11.82
CA PRO A 242 -1.37 33.93 -10.95
C PRO A 242 -0.47 33.01 -11.76
N SER A 243 0.65 32.64 -11.15
CA SER A 243 1.46 31.55 -11.67
C SER A 243 1.14 30.23 -11.00
N ARG A 244 0.60 30.28 -9.78
CA ARG A 244 0.29 29.09 -8.98
C ARG A 244 1.55 28.26 -8.70
N ARG A 245 2.73 28.86 -8.80
CA ARG A 245 3.96 28.15 -8.50
C ARG A 245 4.15 28.04 -7.00
N ALA A 246 4.49 26.85 -6.54
CA ALA A 246 4.64 26.57 -5.11
C ALA A 246 6.05 26.09 -4.82
N GLY A 247 6.67 26.71 -3.82
CA GLY A 247 7.84 26.14 -3.18
C GLY A 247 7.46 25.53 -1.84
N SER A 248 8.48 25.06 -1.12
CA SER A 248 8.25 24.54 0.21
C SER A 248 9.51 24.71 1.04
N VAL A 249 9.31 24.96 2.33
CA VAL A 249 10.40 24.99 3.31
C VAL A 249 10.09 23.95 4.37
N PRO A 250 11.10 23.32 4.97
CA PRO A 250 10.83 22.32 6.00
C PRO A 250 10.36 22.97 7.30
N LEU A 251 9.61 22.19 8.08
CA LEU A 251 9.15 22.62 9.40
C LEU A 251 9.22 21.43 10.34
N ARG A 252 10.09 21.50 11.34
CA ARG A 252 10.29 20.45 12.30
C ARG A 252 10.01 20.98 13.71
N LEU A 253 9.29 20.18 14.50
CA LEU A 253 9.06 20.47 15.91
C LEU A 253 9.57 19.30 16.72
N PRO A 254 10.46 19.52 17.69
CA PRO A 254 10.98 18.40 18.49
C PRO A 254 9.87 17.74 19.31
N ALA A 255 10.16 16.52 19.76
CA ALA A 255 9.16 15.73 20.47
C ALA A 255 8.74 16.40 21.77
N ASP A 256 9.65 17.15 22.41
CA ASP A 256 9.32 17.85 23.65
C ASP A 256 8.10 18.75 23.46
N SER A 257 8.21 19.73 22.57
CA SER A 257 7.08 20.62 22.31
C SER A 257 5.91 19.88 21.67
N HIS A 258 6.22 18.82 20.90
CA HIS A 258 5.16 18.01 20.31
C HIS A 258 4.33 17.33 21.40
N ALA A 259 5.00 16.82 22.44
CA ALA A 259 4.28 16.15 23.52
C ALA A 259 3.36 17.12 24.26
N ARG A 260 3.83 18.35 24.49
CA ARG A 260 3.03 19.32 25.22
C ARG A 260 1.79 19.74 24.44
N LEU A 261 1.89 19.80 23.11
CA LEU A 261 0.71 20.09 22.30
C LEU A 261 -0.27 18.93 22.31
N LEU A 262 0.23 17.71 22.11
CA LEU A 262 -0.61 16.52 22.25
C LEU A 262 -1.23 16.47 23.64
N GLU A 263 -0.47 16.88 24.66
CA GLU A 263 -1.00 16.93 26.02
C GLU A 263 -2.15 17.93 26.12
N ALA A 264 -1.95 19.14 25.60
CA ALA A 264 -3.00 20.15 25.64
C ALA A 264 -4.17 19.77 24.74
N ALA A 265 -3.90 19.11 23.62
CA ALA A 265 -4.98 18.66 22.74
C ALA A 265 -5.89 17.68 23.46
N ARG A 266 -5.31 16.66 24.09
CA ARG A 266 -6.10 15.71 24.88
C ARG A 266 -6.86 16.43 25.98
N SER A 267 -6.23 17.43 26.60
CA SER A 267 -6.86 18.14 27.71
C SER A 267 -8.19 18.76 27.31
N ALA A 268 -8.32 19.18 26.05
CA ALA A 268 -9.54 19.84 25.58
C ALA A 268 -10.37 18.95 24.66
N GLY A 269 -10.09 17.64 24.64
CA GLY A 269 -10.84 16.74 23.79
C GLY A 269 -10.59 16.95 22.31
N GLY A 270 -9.38 17.38 21.94
CA GLY A 270 -9.04 17.61 20.56
C GLY A 270 -7.91 16.70 20.10
N THR A 271 -7.55 16.88 18.83
CA THR A 271 -6.49 16.12 18.19
C THR A 271 -5.26 17.00 18.02
N MET A 272 -4.17 16.38 17.56
CA MET A 272 -2.99 17.15 17.21
C MET A 272 -3.28 18.15 16.11
N PHE A 273 -4.18 17.79 15.17
CA PHE A 273 -4.64 18.76 14.18
C PHE A 273 -5.23 19.99 14.86
N THR A 274 -6.03 19.79 15.90
CA THR A 274 -6.62 20.92 16.62
C THR A 274 -5.54 21.77 17.27
N ALA A 275 -4.47 21.13 17.77
CA ALA A 275 -3.40 21.88 18.41
C ALA A 275 -2.65 22.75 17.42
N VAL A 276 -2.32 22.20 16.24
CA VAL A 276 -1.63 22.98 15.22
C VAL A 276 -2.59 24.00 14.59
N HIS A 277 -3.86 23.61 14.43
CA HIS A 277 -4.86 24.55 13.93
C HIS A 277 -4.93 25.79 14.81
N ALA A 278 -5.00 25.60 16.13
CA ALA A 278 -5.07 26.73 17.05
C ALA A 278 -3.81 27.57 16.97
N ALA A 279 -2.63 26.92 16.97
CA ALA A 279 -1.38 27.66 16.88
C ALA A 279 -1.31 28.47 15.60
N LEU A 280 -1.60 27.84 14.47
CA LEU A 280 -1.56 28.55 13.19
C LEU A 280 -2.57 29.69 13.16
N ALA A 281 -3.75 29.49 13.77
CA ALA A 281 -4.75 30.54 13.82
C ALA A 281 -4.27 31.74 14.63
N MET A 282 -3.44 31.50 15.65
CA MET A 282 -2.87 32.61 16.40
C MET A 282 -1.83 33.35 15.56
N LEU A 283 -0.96 32.61 14.87
CA LEU A 283 0.09 33.23 14.07
C LEU A 283 -0.50 34.10 12.97
N LEU A 284 -1.45 33.56 12.20
CA LEU A 284 -2.07 34.34 11.15
C LEU A 284 -2.85 35.51 11.71
N SER A 285 -3.45 35.35 12.89
CA SER A 285 -4.21 36.45 13.49
C SER A 285 -3.30 37.64 13.78
N ARG A 286 -2.10 37.38 14.31
CA ARG A 286 -1.18 38.46 14.65
C ARG A 286 -0.47 39.01 13.42
N LEU A 287 -0.13 38.14 12.47
CA LEU A 287 0.52 38.59 11.24
C LEU A 287 -0.39 39.51 10.44
N ASP A 288 -1.64 39.11 10.27
CA ASP A 288 -2.59 39.88 9.49
C ASP A 288 -3.45 40.82 10.33
N GLY A 289 -3.28 40.80 11.65
CA GLY A 289 -4.02 41.71 12.52
C GLY A 289 -5.52 41.51 12.48
N ARG A 290 -5.98 40.27 12.36
CA ARG A 290 -7.39 39.97 12.20
C ARG A 290 -7.87 39.10 13.37
N THR A 291 -9.07 39.41 13.86
CA THR A 291 -9.67 38.67 14.97
C THR A 291 -10.40 37.42 14.50
N SER A 292 -10.46 37.15 13.21
CA SER A 292 -11.21 36.03 12.66
C SER A 292 -10.41 35.41 11.52
N VAL A 293 -9.76 34.29 11.78
CA VAL A 293 -8.93 33.60 10.80
C VAL A 293 -9.65 32.33 10.36
N THR A 294 -9.57 32.03 9.07
CA THR A 294 -10.21 30.86 8.48
C THR A 294 -9.17 30.10 7.68
N ILE A 295 -8.73 28.96 8.20
CA ILE A 295 -7.91 28.04 7.44
C ILE A 295 -8.80 26.94 6.87
N GLY A 296 -8.23 26.15 5.96
CA GLY A 296 -8.95 25.03 5.38
C GLY A 296 -8.14 23.76 5.48
N THR A 297 -8.74 22.66 5.08
CA THR A 297 -8.06 21.39 5.01
C THR A 297 -8.65 20.58 3.88
N ARG A 298 -7.80 19.84 3.18
CA ARG A 298 -8.25 18.98 2.09
C ARG A 298 -8.57 17.60 2.66
N LEU A 299 -9.82 17.17 2.50
CA LEU A 299 -10.11 15.80 2.86
C LEU A 299 -10.11 14.94 1.61
N PRO A 300 -9.66 13.68 1.69
CA PRO A 300 -9.69 12.82 0.50
C PRO A 300 -11.11 12.35 0.18
N ARG A 301 -11.22 11.36 -0.71
CA ARG A 301 -12.54 10.82 -1.03
C ARG A 301 -13.18 10.23 0.22
N ASP A 302 -14.51 10.20 0.22
CA ASP A 302 -15.26 9.60 1.32
C ASP A 302 -14.82 8.16 1.51
N GLU A 303 -14.12 7.88 2.62
CA GLU A 303 -13.65 6.52 2.86
C GLU A 303 -14.79 5.56 3.17
N GLU A 304 -15.96 6.07 3.58
CA GLU A 304 -17.11 5.20 3.78
C GLU A 304 -17.61 4.62 2.46
N GLN A 305 -17.87 5.48 1.48
CA GLN A 305 -18.24 5.01 0.16
C GLN A 305 -17.12 4.15 -0.44
N THR A 306 -17.18 2.84 -0.17
CA THR A 306 -16.10 1.94 -0.57
C THR A 306 -15.99 1.79 -2.08
N GLY A 307 -17.04 2.09 -2.83
CA GLY A 307 -16.98 1.98 -4.28
C GLY A 307 -16.05 2.97 -4.93
N LEU A 308 -15.73 4.07 -4.25
CA LEU A 308 -14.80 5.07 -4.77
C LEU A 308 -13.34 4.66 -4.60
N VAL A 309 -13.08 3.59 -3.85
CA VAL A 309 -11.70 3.22 -3.55
C VAL A 309 -10.85 2.98 -4.80
N PRO A 310 -11.28 2.19 -5.77
CA PRO A 310 -10.38 1.86 -6.90
C PRO A 310 -10.52 2.75 -8.13
N MET A 311 -11.20 3.89 -8.06
CA MET A 311 -11.51 4.65 -9.26
C MET A 311 -10.85 6.03 -9.24
N VAL A 312 -10.55 6.53 -10.44
CA VAL A 312 -9.99 7.86 -10.63
C VAL A 312 -11.13 8.87 -10.63
N GLY A 313 -10.89 10.03 -10.01
CA GLY A 313 -11.88 11.09 -9.99
C GLY A 313 -11.46 12.27 -9.15
N PRO A 314 -12.07 13.44 -9.41
CA PRO A 314 -11.84 14.62 -8.55
C PRO A 314 -12.66 14.54 -7.28
N PHE A 315 -12.26 13.63 -6.39
CA PHE A 315 -12.99 13.39 -5.14
C PHE A 315 -12.49 14.25 -3.99
N SER A 316 -11.49 15.11 -4.23
CA SER A 316 -11.01 16.01 -3.19
C SER A 316 -12.15 16.84 -2.64
N ARG A 317 -12.31 16.80 -1.32
CA ARG A 317 -13.25 17.66 -0.61
C ARG A 317 -12.45 18.64 0.24
N TRP A 318 -12.82 19.91 0.18
CA TRP A 318 -12.19 20.96 0.96
C TRP A 318 -13.14 21.44 2.04
N LEU A 319 -12.59 21.74 3.21
CA LEU A 319 -13.39 22.09 4.38
C LEU A 319 -12.84 23.37 5.00
N ALA A 320 -13.64 24.42 5.01
CA ALA A 320 -13.28 25.65 5.71
C ALA A 320 -13.46 25.45 7.22
N LEU A 321 -12.55 26.03 8.00
CA LEU A 321 -12.56 25.91 9.45
C LEU A 321 -12.44 27.29 10.08
N PRO A 322 -13.46 28.13 9.92
CA PRO A 322 -13.39 29.50 10.46
C PRO A 322 -13.40 29.49 11.98
N VAL A 323 -12.43 30.20 12.56
CA VAL A 323 -12.30 30.31 14.01
C VAL A 323 -12.37 31.78 14.39
N ASP A 324 -13.24 32.09 15.34
CA ASP A 324 -13.38 33.45 15.85
C ASP A 324 -12.45 33.65 17.04
N LEU A 325 -11.49 34.55 16.91
CA LEU A 325 -10.58 34.91 17.99
C LEU A 325 -10.99 36.21 18.67
N SER A 326 -12.27 36.55 18.64
CA SER A 326 -12.77 37.74 19.29
C SER A 326 -12.47 37.71 20.79
N GLY A 327 -12.51 38.89 21.39
CA GLY A 327 -11.95 39.01 22.73
C GLY A 327 -10.45 38.77 22.67
N ASP A 328 -9.91 38.14 23.69
CA ASP A 328 -8.50 37.77 23.73
C ASP A 328 -8.38 36.36 24.30
N PRO A 329 -8.62 35.35 23.47
CA PRO A 329 -8.63 33.97 23.97
C PRO A 329 -7.23 33.44 24.20
N ALA A 330 -7.14 32.51 25.14
CA ALA A 330 -5.89 31.79 25.38
C ALA A 330 -5.80 30.59 24.45
N PHE A 331 -4.60 30.01 24.37
CA PHE A 331 -4.39 28.87 23.48
C PHE A 331 -5.34 27.73 23.80
N THR A 332 -5.55 27.45 25.09
CA THR A 332 -6.53 26.45 25.49
C THR A 332 -7.92 26.83 25.00
N GLU A 333 -8.27 28.12 25.10
CA GLU A 333 -9.58 28.57 24.65
C GLU A 333 -9.68 28.56 23.14
N ILE A 334 -8.59 28.93 22.45
CA ILE A 334 -8.57 28.84 20.99
C ILE A 334 -8.62 27.39 20.54
N LEU A 335 -7.95 26.51 21.28
CA LEU A 335 -8.02 25.09 20.99
C LEU A 335 -9.46 24.58 21.07
N GLY A 336 -10.25 25.14 21.97
CA GLY A 336 -11.65 24.76 22.06
C GLY A 336 -12.44 25.26 20.86
N ARG A 337 -12.24 26.53 20.48
CA ARG A 337 -12.92 27.06 19.30
C ARG A 337 -12.54 26.29 18.05
N ALA A 338 -11.26 25.93 17.92
CA ALA A 338 -10.83 25.12 16.80
C ALA A 338 -11.50 23.74 16.83
N ARG A 339 -11.57 23.13 18.00
CA ARG A 339 -12.20 21.82 18.12
C ARG A 339 -13.68 21.88 17.77
N ASP A 340 -14.36 22.93 18.21
CA ASP A 340 -15.81 23.00 18.01
C ASP A 340 -16.18 23.22 16.56
N VAL A 341 -15.40 24.03 15.84
CA VAL A 341 -15.74 24.28 14.44
C VAL A 341 -15.44 23.06 13.59
N SER A 342 -14.45 22.24 13.99
CA SER A 342 -14.14 21.05 13.22
C SER A 342 -15.24 20.01 13.33
N GLU A 343 -15.89 19.92 14.49
CA GLU A 343 -17.01 18.99 14.64
C GLU A 343 -18.22 19.44 13.83
N ASP A 344 -18.54 20.73 13.89
CA ASP A 344 -19.69 21.24 13.14
C ASP A 344 -19.43 21.18 11.64
N ALA A 345 -18.18 21.47 11.22
CA ALA A 345 -17.86 21.44 9.79
C ALA A 345 -17.97 20.02 9.24
N HIS A 346 -17.41 19.05 9.94
CA HIS A 346 -17.51 17.65 9.49
C HIS A 346 -18.94 17.14 9.55
N ARG A 347 -19.82 17.80 10.30
CA ARG A 347 -21.25 17.51 10.26
C ARG A 347 -21.95 18.18 9.09
N HIS A 348 -21.22 18.90 8.25
CA HIS A 348 -21.81 19.72 7.18
C HIS A 348 -20.96 19.67 5.92
N GLN A 349 -20.45 18.48 5.57
CA GLN A 349 -19.50 18.36 4.46
C GLN A 349 -20.12 17.72 3.23
N ASP A 350 -21.46 17.75 3.10
CA ASP A 350 -22.09 17.23 1.88
C ASP A 350 -22.24 18.30 0.82
N LEU A 351 -22.37 19.56 1.22
CA LEU A 351 -22.30 20.67 0.28
C LEU A 351 -20.87 20.80 -0.23
N PRO A 352 -20.62 20.69 -1.54
CA PRO A 352 -19.24 20.78 -2.04
C PRO A 352 -18.66 22.17 -1.83
N PHE A 353 -17.36 22.21 -1.57
CA PHE A 353 -16.70 23.49 -1.31
C PHE A 353 -16.83 24.43 -2.49
N GLU A 354 -16.72 23.90 -3.71
CA GLU A 354 -16.82 24.75 -4.89
C GLU A 354 -18.22 25.34 -5.06
N ARG A 355 -19.26 24.59 -4.66
CA ARG A 355 -20.60 25.15 -4.70
C ARG A 355 -20.79 26.20 -3.61
N LEU A 356 -20.30 25.92 -2.41
CA LEU A 356 -20.34 26.91 -1.34
C LEU A 356 -19.60 28.18 -1.73
N ALA A 357 -18.47 28.03 -2.43
CA ALA A 357 -17.73 29.19 -2.90
C ALA A 357 -18.61 30.07 -3.78
N GLU A 358 -19.31 29.47 -4.75
CA GLU A 358 -20.21 30.23 -5.61
C GLU A 358 -21.26 30.98 -4.81
N LEU A 359 -21.60 30.50 -3.62
CA LEU A 359 -22.72 31.05 -2.85
C LEU A 359 -22.31 32.13 -1.85
N VAL A 360 -21.02 32.21 -1.48
CA VAL A 360 -20.59 33.16 -0.46
C VAL A 360 -19.44 34.04 -0.93
N VAL A 361 -18.89 33.82 -2.11
CA VAL A 361 -17.90 34.72 -2.70
C VAL A 361 -18.65 35.69 -3.61
N PRO A 362 -18.54 37.00 -3.39
CA PRO A 362 -19.24 37.95 -4.27
C PRO A 362 -18.45 38.23 -5.53
N VAL A 363 -17.19 38.61 -5.35
CA VAL A 363 -16.27 38.83 -6.46
C VAL A 363 -15.18 37.77 -6.37
N PRO A 364 -15.36 36.61 -7.01
CA PRO A 364 -14.31 35.58 -6.97
C PRO A 364 -13.06 36.04 -7.67
N SER A 365 -11.93 35.53 -7.22
CA SER A 365 -10.62 35.92 -7.73
C SER A 365 -9.86 34.67 -8.17
N ILE A 366 -9.21 34.76 -9.33
CA ILE A 366 -8.33 33.69 -9.77
C ILE A 366 -6.95 33.80 -9.17
N THR A 367 -6.69 34.82 -8.35
CA THR A 367 -5.39 35.04 -7.74
C THR A 367 -5.42 34.96 -6.23
N ARG A 368 -6.59 34.72 -5.63
CA ARG A 368 -6.72 34.46 -4.20
C ARG A 368 -7.77 33.38 -4.00
N HIS A 369 -7.40 32.34 -3.26
CA HIS A 369 -8.30 31.20 -3.08
C HIS A 369 -9.53 31.61 -2.27
N PRO A 370 -10.71 31.07 -2.58
CA PRO A 370 -11.91 31.48 -1.86
C PRO A 370 -11.92 31.02 -0.41
N ILE A 371 -12.58 31.82 0.43
CA ILE A 371 -12.87 31.52 1.82
C ILE A 371 -11.60 31.39 2.67
N PHE A 372 -10.64 30.59 2.22
CA PHE A 372 -9.38 30.47 2.93
C PHE A 372 -8.22 30.48 1.94
N GLN A 373 -7.08 30.98 2.41
CA GLN A 373 -5.86 30.99 1.62
C GLN A 373 -4.75 30.17 2.27
N VAL A 374 -4.96 29.68 3.48
CA VAL A 374 -4.03 28.81 4.20
C VAL A 374 -4.74 27.50 4.47
N ALA A 375 -4.05 26.39 4.24
CA ALA A 375 -4.60 25.07 4.49
C ALA A 375 -3.62 24.26 5.33
N LEU A 376 -4.16 23.30 6.08
CA LEU A 376 -3.38 22.51 7.01
C LEU A 376 -3.70 21.04 6.82
N GLN A 377 -2.65 20.23 6.65
CA GLN A 377 -2.77 18.78 6.65
C GLN A 377 -1.92 18.21 7.78
N LEU A 378 -2.53 17.41 8.64
CA LEU A 378 -1.83 16.72 9.71
C LEU A 378 -2.10 15.23 9.57
N ASP A 379 -1.08 14.48 9.17
CA ASP A 379 -1.23 13.07 8.86
C ASP A 379 -0.46 12.22 9.87
N GLU A 380 -1.06 11.09 10.26
CA GLU A 380 -0.34 10.06 10.97
C GLU A 380 0.56 9.32 9.99
N ASP A 381 1.68 8.81 10.50
CA ASP A 381 2.61 8.09 9.64
C ASP A 381 1.94 6.82 9.10
N ASP A 382 2.18 6.53 7.83
CA ASP A 382 1.53 5.41 7.16
C ASP A 382 2.42 4.93 6.01
N VAL A 383 1.96 3.88 5.34
CA VAL A 383 2.72 3.34 4.22
C VAL A 383 2.70 4.32 3.06
N ARG A 384 3.84 4.47 2.40
CA ARG A 384 3.92 5.38 1.26
C ARG A 384 3.52 4.66 -0.02
N PRO A 385 2.57 5.20 -0.80
CA PRO A 385 2.15 4.50 -2.02
C PRO A 385 3.25 4.40 -3.06
N GLU A 386 4.22 5.33 -3.05
CA GLU A 386 5.27 5.32 -4.06
C GLU A 386 6.18 4.12 -3.93
N GLU A 387 6.29 3.55 -2.72
CA GLU A 387 7.14 2.39 -2.51
C GLU A 387 6.58 1.14 -3.19
N SER A 388 5.27 1.09 -3.41
CA SER A 388 4.60 -0.08 -3.94
C SER A 388 4.11 0.12 -5.38
N TRP A 389 4.80 0.96 -6.13
CA TRP A 389 4.54 1.14 -7.56
C TRP A 389 5.56 0.32 -8.34
N ALA A 390 5.07 -0.64 -9.12
CA ALA A 390 5.95 -1.54 -9.85
C ALA A 390 5.31 -1.94 -11.17
N LEU A 391 5.89 -1.52 -12.28
CA LEU A 391 5.47 -2.02 -13.59
C LEU A 391 6.12 -3.39 -13.81
N PRO A 392 5.34 -4.44 -14.05
CA PRO A 392 5.93 -5.77 -14.24
C PRO A 392 7.01 -5.77 -15.32
N GLY A 393 8.18 -6.29 -14.97
CA GLY A 393 9.30 -6.37 -15.88
C GLY A 393 10.23 -5.18 -15.86
N LEU A 394 9.94 -4.15 -15.07
CA LEU A 394 10.75 -2.95 -15.03
C LEU A 394 11.01 -2.54 -13.59
N ARG A 395 12.25 -2.15 -13.31
CA ARG A 395 12.60 -1.58 -12.02
C ARG A 395 11.98 -0.19 -11.91
N THR A 396 10.96 -0.06 -11.06
CA THR A 396 10.14 1.15 -10.98
C THR A 396 10.49 1.93 -9.72
N SER A 397 10.68 3.24 -9.86
CA SER A 397 10.94 4.11 -8.72
C SER A 397 10.47 5.52 -9.06
N PRO A 398 9.93 6.26 -8.08
CA PRO A 398 9.38 7.58 -8.37
C PRO A 398 10.46 8.64 -8.56
N VAL A 399 10.20 9.56 -9.50
CA VAL A 399 11.06 10.69 -9.77
C VAL A 399 10.45 11.92 -9.11
N PRO A 400 11.17 12.63 -8.25
CA PRO A 400 10.58 13.80 -7.58
C PRO A 400 10.27 14.90 -8.57
N MET A 401 9.17 15.60 -8.32
CA MET A 401 8.73 16.76 -9.07
C MET A 401 8.67 17.96 -8.13
N PRO A 402 8.71 19.18 -8.66
CA PRO A 402 8.47 20.35 -7.81
C PRO A 402 7.08 20.31 -7.21
N GLU A 403 6.86 21.17 -6.21
CA GLU A 403 5.59 21.21 -5.52
C GLU A 403 4.45 21.46 -6.51
N GLU A 404 3.31 20.84 -6.24
CA GLU A 404 2.15 20.96 -7.12
C GLU A 404 1.70 22.42 -7.22
N ALA A 405 1.15 22.76 -8.39
CA ALA A 405 0.52 24.06 -8.55
C ALA A 405 -0.67 24.17 -7.61
N MET A 406 -0.79 25.31 -6.93
CA MET A 406 -1.87 25.51 -5.96
C MET A 406 -2.35 26.95 -6.03
N GLU A 407 -3.58 27.15 -5.56
CA GLU A 407 -4.14 28.49 -5.43
C GLU A 407 -3.92 29.07 -4.04
N LEU A 408 -3.59 28.24 -3.06
CA LEU A 408 -3.39 28.72 -1.70
C LEU A 408 -2.09 29.51 -1.61
N ASP A 409 -2.02 30.36 -0.59
CA ASP A 409 -0.76 31.05 -0.30
C ASP A 409 0.15 30.16 0.54
N LEU A 410 -0.42 29.40 1.46
CA LEU A 410 0.33 28.56 2.36
C LEU A 410 -0.41 27.24 2.56
N TRP A 411 0.33 26.14 2.51
CA TRP A 411 -0.22 24.81 2.74
C TRP A 411 0.72 24.09 3.69
N LEU A 412 0.33 24.02 4.96
CA LEU A 412 1.16 23.38 5.99
C LEU A 412 0.79 21.90 6.06
N LYS A 413 1.72 21.04 5.64
CA LYS A 413 1.55 19.59 5.65
C LYS A 413 2.51 19.00 6.66
N LEU A 414 1.97 18.37 7.70
CA LEU A 414 2.79 17.86 8.80
C LEU A 414 2.51 16.39 9.05
N LEU A 415 3.56 15.66 9.42
CA LEU A 415 3.47 14.26 9.81
C LEU A 415 3.47 14.18 11.34
N ASP A 416 2.45 13.51 11.89
CA ASP A 416 2.32 13.37 13.34
C ASP A 416 2.97 12.04 13.76
N HIS A 417 4.28 12.10 13.94
CA HIS A 417 5.04 10.92 14.32
C HIS A 417 4.70 10.49 15.74
N ARG A 418 4.56 9.18 15.96
CA ARG A 418 4.23 8.63 17.26
C ARG A 418 5.11 7.42 17.56
N THR A 419 5.35 7.21 18.85
CA THR A 419 5.90 5.95 19.31
C THR A 419 4.81 4.88 19.30
N ASP A 420 5.22 3.61 19.38
CA ASP A 420 4.27 2.51 19.36
C ASP A 420 3.19 2.64 20.42
N GLU A 421 3.45 3.40 21.50
CA GLU A 421 2.47 3.64 22.54
C GLU A 421 1.54 4.81 22.23
N GLY A 422 1.78 5.53 21.15
CA GLY A 422 1.00 6.70 20.83
C GLY A 422 1.55 8.01 21.36
N ASP A 423 2.73 7.99 21.97
CA ASP A 423 3.33 9.19 22.49
C ASP A 423 3.99 9.99 21.37
N ALA A 424 4.12 11.30 21.61
CA ALA A 424 4.67 12.19 20.59
C ALA A 424 6.11 11.83 20.27
N ASP A 425 6.41 11.75 18.98
CA ASP A 425 7.76 11.42 18.51
C ASP A 425 8.18 12.37 17.40
N GLY A 426 7.89 13.66 17.57
CA GLY A 426 8.29 14.67 16.62
C GLY A 426 7.19 15.00 15.63
N LEU A 427 7.18 16.26 15.17
CA LEU A 427 6.24 16.75 14.18
C LEU A 427 7.06 17.27 13.00
N VAL A 428 7.03 16.54 11.89
CA VAL A 428 7.88 16.82 10.73
C VAL A 428 7.01 17.05 9.50
N GLY A 429 7.33 18.08 8.74
CA GLY A 429 6.58 18.35 7.53
C GLY A 429 7.19 19.49 6.73
N SER A 430 6.34 20.12 5.92
CA SER A 430 6.77 21.16 5.01
C SER A 430 5.74 22.28 4.97
N LEU A 431 6.23 23.51 4.93
CA LEU A 431 5.37 24.67 4.69
C LEU A 431 5.43 24.98 3.20
N VAL A 432 4.40 24.56 2.47
CA VAL A 432 4.32 24.82 1.04
C VAL A 432 3.76 26.23 0.83
N TYR A 433 4.52 27.07 0.15
CA TYR A 433 4.18 28.48 -0.01
C TYR A 433 3.99 28.82 -1.48
N ALA A 434 3.16 29.83 -1.73
CA ALA A 434 2.93 30.33 -3.08
C ALA A 434 4.04 31.30 -3.48
N GLU A 435 4.65 31.07 -4.64
CA GLU A 435 5.77 31.91 -5.06
C GLU A 435 5.32 33.32 -5.41
N ASP A 436 4.09 33.50 -5.90
CA ASP A 436 3.56 34.85 -6.17
C ASP A 436 3.29 35.64 -4.91
N ARG A 437 3.64 35.08 -3.75
CA ARG A 437 3.24 35.63 -2.46
C ARG A 437 4.34 35.63 -1.42
N PHE A 438 5.23 34.64 -1.42
CA PHE A 438 6.39 34.60 -0.56
C PHE A 438 7.60 34.18 -1.38
N ASP A 439 8.79 34.38 -0.81
CA ASP A 439 10.00 33.73 -1.28
C ASP A 439 10.50 32.79 -0.20
N ARG A 440 11.62 32.10 -0.48
CA ARG A 440 12.15 31.14 0.47
C ARG A 440 12.44 31.78 1.82
N ALA A 441 13.07 32.96 1.80
CA ALA A 441 13.38 33.65 3.05
C ALA A 441 12.11 33.99 3.82
N GLY A 442 11.10 34.52 3.13
CA GLY A 442 9.84 34.83 3.78
C GLY A 442 9.11 33.61 4.29
N ALA A 443 9.31 32.46 3.63
CA ALA A 443 8.69 31.23 4.09
C ALA A 443 9.47 30.62 5.26
N GLU A 444 10.80 30.62 5.18
CA GLU A 444 11.62 30.18 6.30
C GLU A 444 11.32 31.01 7.54
N ALA A 445 11.23 32.34 7.37
CA ALA A 445 10.87 33.20 8.50
C ALA A 445 9.50 32.84 9.05
N LEU A 446 8.58 32.46 8.17
CA LEU A 446 7.26 32.05 8.61
C LEU A 446 7.30 30.71 9.34
N ALA A 447 8.00 29.73 8.75
CA ALA A 447 8.13 28.42 9.39
C ALA A 447 8.77 28.54 10.76
N GLN A 448 9.87 29.30 10.85
CA GLN A 448 10.52 29.50 12.14
C GLN A 448 9.60 30.25 13.11
N ARG A 449 8.80 31.18 12.59
CA ARG A 449 7.88 31.92 13.45
C ARG A 449 6.80 31.01 14.02
N LEU A 450 6.34 30.04 13.23
CA LEU A 450 5.32 29.12 13.71
C LEU A 450 5.90 28.10 14.70
N VAL A 451 7.10 27.59 14.41
CA VAL A 451 7.77 26.68 15.34
C VAL A 451 7.94 27.34 16.69
N ALA A 452 8.32 28.61 16.71
CA ALA A 452 8.41 29.35 17.96
C ALA A 452 7.07 29.41 18.66
N LEU A 453 6.02 29.74 17.91
CA LEU A 453 4.68 29.82 18.50
C LEU A 453 4.22 28.46 19.02
N LEU A 454 4.50 27.39 18.27
CA LEU A 454 4.17 26.05 18.72
C LEU A 454 4.86 25.72 20.04
N GLU A 455 6.15 26.03 20.14
CA GLU A 455 6.89 25.77 21.37
C GLU A 455 6.38 26.62 22.52
N GLN A 456 5.92 27.84 22.24
CA GLN A 456 5.48 28.73 23.31
C GLN A 456 4.14 28.25 23.89
N VAL A 457 3.13 28.06 23.04
CA VAL A 457 1.82 27.68 23.55
C VAL A 457 1.85 26.27 24.14
N GLY A 458 2.77 25.42 23.69
CA GLY A 458 2.92 24.12 24.31
C GLY A 458 3.42 24.21 25.74
N ALA A 459 4.42 25.06 25.97
CA ALA A 459 5.00 25.25 27.29
C ALA A 459 4.19 26.20 28.18
N ALA A 460 3.21 26.92 27.61
CA ALA A 460 2.37 27.82 28.39
C ALA A 460 1.01 27.94 27.70
N PRO A 461 0.16 26.92 27.84
CA PRO A 461 -1.14 26.93 27.12
C PRO A 461 -2.10 28.04 27.56
N GLU A 462 -1.83 28.72 28.67
CA GLU A 462 -2.70 29.79 29.12
C GLU A 462 -2.36 31.13 28.48
N VAL A 463 -1.35 31.17 27.60
CA VAL A 463 -0.95 32.43 26.97
C VAL A 463 -2.11 32.97 26.14
N ARG A 464 -2.41 34.24 26.32
CA ARG A 464 -3.47 34.87 25.54
C ARG A 464 -2.99 35.12 24.11
N LEU A 465 -3.95 35.43 23.24
CA LEU A 465 -3.62 35.72 21.85
C LEU A 465 -2.75 36.97 21.74
N SER A 466 -2.94 37.95 22.63
CA SER A 466 -2.22 39.21 22.54
C SER A 466 -0.79 39.08 23.02
N GLN A 467 -0.56 38.33 24.10
CA GLN A 467 0.76 38.22 24.72
C GLN A 467 1.61 37.12 24.10
N VAL A 468 1.34 36.75 22.87
CA VAL A 468 2.10 35.69 22.20
C VAL A 468 3.24 36.33 21.39
N ASP A 469 4.34 35.60 21.26
CA ASP A 469 5.58 36.14 20.69
C ASP A 469 5.58 35.93 19.19
N VAL A 470 5.22 36.98 18.45
CA VAL A 470 5.32 36.99 16.99
C VAL A 470 5.92 38.32 16.54
N PRO A 471 7.24 38.39 16.32
CA PRO A 471 7.87 39.62 15.81
C PRO A 471 7.61 39.82 14.32
N HIS B 26 12.95 -18.63 26.28
CA HIS B 26 11.88 -19.11 25.43
C HIS B 26 12.02 -18.60 24.01
N ARG B 27 12.83 -17.55 23.83
CA ARG B 27 13.14 -17.03 22.51
C ARG B 27 14.23 -17.82 21.82
N VAL B 28 14.83 -18.80 22.49
CA VAL B 28 15.98 -19.54 21.95
C VAL B 28 15.58 -20.31 20.71
N LEU B 29 14.30 -20.67 20.57
CA LEU B 29 13.86 -21.48 19.43
C LEU B 29 13.99 -20.75 18.10
N HIS B 30 14.29 -19.45 18.11
CA HIS B 30 14.42 -18.67 16.89
C HIS B 30 15.78 -18.00 16.75
N LEU B 31 16.71 -18.27 17.66
CA LEU B 31 18.07 -17.75 17.56
C LEU B 31 18.86 -18.59 16.56
N ARG B 32 19.44 -17.91 15.57
CA ARG B 32 20.22 -18.58 14.53
C ARG B 32 21.53 -17.86 14.33
N ASP B 33 22.54 -18.61 13.88
CA ASP B 33 23.81 -18.02 13.46
C ASP B 33 23.55 -17.14 12.25
N ARG B 34 23.38 -17.77 11.09
CA ARG B 34 22.80 -17.12 9.93
C ARG B 34 21.67 -18.01 9.42
N LEU B 35 21.97 -18.90 8.49
CA LEU B 35 21.05 -19.99 8.17
C LEU B 35 21.15 -21.14 9.16
N ASP B 36 22.15 -21.13 10.03
CA ASP B 36 22.49 -22.25 10.89
C ASP B 36 21.99 -22.03 12.31
N LEU B 37 21.95 -23.12 13.08
CA LEU B 37 21.50 -23.05 14.47
C LEU B 37 22.49 -22.25 15.31
N ALA B 38 21.96 -21.36 16.14
CA ALA B 38 22.81 -20.65 17.09
C ALA B 38 23.31 -21.61 18.16
N ALA B 39 24.41 -21.20 18.82
CA ALA B 39 25.04 -22.08 19.80
C ALA B 39 24.11 -22.34 20.98
N GLU B 40 23.37 -21.33 21.42
CA GLU B 40 22.48 -21.51 22.57
C GLU B 40 21.39 -22.53 22.26
N LEU B 41 20.90 -22.54 21.02
CA LEU B 41 19.87 -23.51 20.64
C LEU B 41 20.46 -24.91 20.54
N LYS B 42 21.71 -25.02 20.08
CA LYS B 42 22.36 -26.33 20.01
C LYS B 42 22.58 -26.91 21.40
N LEU B 43 22.95 -26.08 22.37
CA LEU B 43 23.09 -26.54 23.74
C LEU B 43 21.75 -27.00 24.31
N LEU B 44 20.66 -26.33 23.91
CA LEU B 44 19.34 -26.72 24.40
C LEU B 44 18.92 -28.07 23.82
N CYS B 45 19.17 -28.30 22.54
CA CYS B 45 18.79 -29.56 21.92
C CYS B 45 19.59 -30.74 22.47
N GLU B 46 20.78 -30.49 23.02
CA GLU B 46 21.52 -31.56 23.69
C GLU B 46 20.75 -32.09 24.90
N ARG B 47 19.95 -31.22 25.53
CA ARG B 47 19.14 -31.60 26.69
C ARG B 47 17.93 -32.45 26.31
N GLY B 48 18.10 -33.42 25.41
CA GLY B 48 16.99 -34.27 25.01
C GLY B 48 16.12 -33.63 23.95
N PRO B 49 15.27 -34.43 23.32
CA PRO B 49 14.37 -33.92 22.26
C PRO B 49 13.06 -33.33 22.78
N LEU B 50 12.82 -33.38 24.08
CA LEU B 50 11.58 -32.86 24.67
C LEU B 50 11.90 -32.35 26.06
N VAL B 51 11.83 -31.03 26.26
CA VAL B 51 12.15 -30.43 27.53
C VAL B 51 10.92 -29.72 28.07
N ARG B 52 10.78 -29.73 29.39
CA ARG B 52 9.78 -28.91 30.07
C ARG B 52 10.45 -27.64 30.58
N ILE B 53 9.69 -26.55 30.57
CA ILE B 53 10.24 -25.26 30.95
C ILE B 53 9.18 -24.44 31.69
N PRO B 54 9.28 -24.32 33.00
CA PRO B 54 8.36 -23.43 33.72
C PRO B 54 8.82 -21.98 33.64
N LEU B 55 7.85 -21.09 33.46
CA LEU B 55 8.15 -19.66 33.36
C LEU B 55 8.39 -19.05 34.73
N SER B 59 2.67 -16.49 33.37
CA SER B 59 3.64 -17.51 33.74
C SER B 59 2.97 -18.87 33.94
N ALA B 60 3.55 -19.90 33.32
CA ALA B 60 3.05 -21.27 33.41
C ALA B 60 4.20 -22.21 33.05
N VAL B 61 3.87 -23.46 32.77
CA VAL B 61 4.86 -24.46 32.38
C VAL B 61 4.64 -24.80 30.91
N HIS B 62 5.64 -24.50 30.09
CA HIS B 62 5.61 -24.79 28.67
C HIS B 62 6.48 -26.00 28.35
N TRP B 63 6.40 -26.44 27.10
CA TRP B 63 7.16 -27.60 26.63
C TRP B 63 7.74 -27.32 25.26
N PHE B 64 8.95 -27.82 25.03
CA PHE B 64 9.64 -27.69 23.75
C PHE B 64 9.81 -29.07 23.13
N ALA B 65 9.26 -29.26 21.93
CA ALA B 65 9.48 -30.47 21.15
C ALA B 65 10.59 -30.17 20.15
N LEU B 66 11.74 -30.82 20.33
CA LEU B 66 12.93 -30.51 19.54
C LEU B 66 13.42 -31.67 18.70
N GLY B 67 12.77 -32.84 18.76
CA GLY B 67 13.21 -34.02 18.03
C GLY B 67 12.24 -34.39 16.92
N TYR B 68 12.77 -35.03 15.88
CA TYR B 68 11.94 -35.41 14.73
C TYR B 68 10.81 -36.34 15.15
N ASP B 69 11.14 -37.42 15.86
CA ASP B 69 10.10 -38.35 16.29
C ASP B 69 9.18 -37.73 17.33
N VAL B 70 9.71 -36.85 18.19
CA VAL B 70 8.88 -36.23 19.21
C VAL B 70 7.91 -35.23 18.58
N VAL B 71 8.38 -34.46 17.60
CA VAL B 71 7.50 -33.48 16.96
C VAL B 71 6.42 -34.18 16.14
N ARG B 72 6.77 -35.28 15.48
CA ARG B 72 5.77 -36.05 14.74
C ARG B 72 4.68 -36.56 15.68
N GLU B 73 5.07 -37.06 16.86
CA GLU B 73 4.10 -37.57 17.81
C GLU B 73 3.14 -36.48 18.26
N VAL B 74 3.68 -35.35 18.71
CA VAL B 74 2.84 -34.28 19.25
C VAL B 74 1.98 -33.63 18.20
N LEU B 75 2.30 -33.81 16.91
CA LEU B 75 1.46 -33.31 15.82
C LEU B 75 0.51 -34.36 15.27
N GLY B 76 0.90 -35.63 15.32
CA GLY B 76 0.05 -36.71 14.85
C GLY B 76 -0.89 -37.30 15.86
N SER B 77 -0.83 -36.84 17.11
CA SER B 77 -1.68 -37.36 18.17
C SER B 77 -2.98 -36.58 18.25
N GLU B 78 -4.07 -37.31 18.52
CA GLU B 78 -5.38 -36.71 18.68
C GLU B 78 -5.60 -36.10 20.07
N LYS B 79 -4.53 -35.98 20.87
CA LYS B 79 -4.62 -35.50 22.23
C LYS B 79 -4.14 -34.05 22.38
N PHE B 80 -4.21 -33.26 21.31
CA PHE B 80 -3.74 -31.89 21.33
C PHE B 80 -4.69 -31.01 20.53
N ASP B 81 -4.70 -29.72 20.87
CA ASP B 81 -5.52 -28.74 20.18
C ASP B 81 -4.76 -27.42 20.10
N LYS B 82 -5.22 -26.55 19.20
CA LYS B 82 -4.59 -25.24 19.01
C LYS B 82 -5.64 -24.15 18.86
N PRO B 97 -12.47 -16.55 9.33
CA PRO B 97 -12.97 -17.51 8.35
C PRO B 97 -11.93 -17.84 7.28
N GLY B 98 -12.00 -19.05 6.73
CA GLY B 98 -11.06 -19.46 5.71
C GLY B 98 -9.64 -19.69 6.20
N ASN B 99 -9.38 -19.52 7.49
CA ASN B 99 -8.04 -19.73 8.05
C ASN B 99 -7.99 -21.13 8.62
N LEU B 100 -7.49 -22.07 7.82
CA LEU B 100 -7.44 -23.47 8.22
C LEU B 100 -6.56 -23.67 9.45
N LEU B 101 -5.50 -22.87 9.58
CA LEU B 101 -4.51 -23.13 10.63
C LEU B 101 -5.07 -22.87 12.02
N GLN B 102 -5.98 -21.90 12.16
CA GLN B 102 -6.59 -21.62 13.45
C GLN B 102 -7.90 -22.39 13.66
N LEU B 103 -8.33 -23.18 12.68
CA LEU B 103 -9.52 -24.00 12.82
C LEU B 103 -9.15 -25.36 13.43
N ASP B 104 -10.14 -25.99 14.04
CA ASP B 104 -10.00 -27.30 14.65
C ASP B 104 -11.21 -28.13 14.28
N PRO B 105 -11.09 -29.46 14.32
CA PRO B 105 -12.21 -30.31 13.93
C PRO B 105 -13.42 -30.03 14.81
N PRO B 106 -14.64 -30.20 14.26
CA PRO B 106 -14.88 -30.69 12.90
C PRO B 106 -14.87 -29.59 11.83
N GLU B 107 -14.73 -28.33 12.24
CA GLU B 107 -14.72 -27.25 11.27
C GLU B 107 -13.48 -27.29 10.40
N HIS B 108 -12.33 -27.64 10.98
CA HIS B 108 -11.11 -27.77 10.18
C HIS B 108 -11.27 -28.84 9.12
N THR B 109 -11.95 -29.94 9.46
CA THR B 109 -12.21 -30.98 8.47
C THR B 109 -13.11 -30.46 7.36
N ARG B 110 -14.13 -29.69 7.71
CA ARG B 110 -15.10 -29.21 6.72
C ARG B 110 -14.43 -28.32 5.67
N LEU B 111 -13.48 -27.48 6.09
CA LEU B 111 -12.82 -26.60 5.15
C LEU B 111 -11.66 -27.26 4.42
N ARG B 112 -10.90 -28.11 5.13
CA ARG B 112 -9.80 -28.84 4.50
C ARG B 112 -10.31 -29.79 3.42
N ARG B 113 -11.49 -30.37 3.61
CA ARG B 113 -12.06 -31.28 2.62
C ARG B 113 -12.33 -30.57 1.30
N MET B 114 -12.82 -29.33 1.37
CA MET B 114 -13.21 -28.63 0.15
C MET B 114 -12.01 -28.10 -0.62
N VAL B 115 -10.86 -27.91 0.04
CA VAL B 115 -9.74 -27.21 -0.58
C VAL B 115 -8.66 -28.19 -0.99
N ALA B 116 -8.53 -29.30 -0.25
CA ALA B 116 -7.44 -30.25 -0.48
C ALA B 116 -7.33 -30.75 -1.91
N PRO B 117 -8.41 -31.16 -2.60
CA PRO B 117 -8.24 -31.66 -3.98
C PRO B 117 -7.67 -30.64 -4.95
N ALA B 118 -7.53 -29.37 -4.55
CA ALA B 118 -6.91 -28.38 -5.42
C ALA B 118 -5.41 -28.62 -5.60
N TYR B 119 -4.79 -29.35 -4.68
CA TYR B 119 -3.36 -29.63 -4.74
C TYR B 119 -3.06 -31.04 -5.24
N SER B 120 -3.99 -31.64 -5.98
CA SER B 120 -3.81 -33.01 -6.44
C SER B 120 -2.59 -33.13 -7.34
N VAL B 121 -2.07 -34.35 -7.43
CA VAL B 121 -0.88 -34.61 -8.24
C VAL B 121 -1.14 -34.21 -9.68
N ARG B 122 -2.30 -34.59 -10.22
CA ARG B 122 -2.59 -34.28 -11.62
C ARG B 122 -2.75 -32.78 -11.84
N ARG B 123 -3.35 -32.07 -10.87
CA ARG B 123 -3.54 -30.63 -11.03
C ARG B 123 -2.22 -29.88 -10.93
N MET B 124 -1.35 -30.29 -10.01
CA MET B 124 -0.04 -29.67 -9.92
C MET B 124 0.78 -29.91 -11.18
N GLN B 125 0.68 -31.11 -11.74
CA GLN B 125 1.35 -31.41 -13.00
C GLN B 125 0.82 -30.54 -14.13
N ALA B 126 -0.50 -30.32 -14.15
CA ALA B 126 -1.08 -29.43 -15.17
C ALA B 126 -0.60 -27.99 -14.99
N LEU B 127 -0.23 -27.62 -13.77
CA LEU B 127 0.18 -26.25 -13.48
C LEU B 127 1.66 -26.02 -13.75
N GLU B 128 2.45 -27.08 -13.93
CA GLU B 128 3.90 -26.93 -14.08
C GLU B 128 4.30 -26.04 -15.25
N PRO B 129 3.79 -26.23 -16.48
CA PRO B 129 4.25 -25.37 -17.58
C PRO B 129 3.92 -23.90 -17.38
N ARG B 130 2.83 -23.60 -16.67
CA ARG B 130 2.53 -22.20 -16.35
C ARG B 130 3.55 -21.64 -15.36
N VAL B 131 3.84 -22.39 -14.29
CA VAL B 131 4.83 -21.94 -13.32
C VAL B 131 6.20 -21.84 -13.97
N GLN B 132 6.54 -22.78 -14.86
CA GLN B 132 7.82 -22.72 -15.55
C GLN B 132 7.94 -21.43 -16.37
N ALA B 133 6.85 -21.05 -17.06
CA ALA B 133 6.88 -19.81 -17.83
C ALA B 133 6.97 -18.60 -16.92
N ILE B 134 6.29 -18.63 -15.78
CA ILE B 134 6.37 -17.53 -14.82
C ILE B 134 7.78 -17.40 -14.28
N VAL B 135 8.42 -18.53 -13.96
CA VAL B 135 9.80 -18.51 -13.48
C VAL B 135 10.72 -17.94 -14.56
N ASP B 136 10.55 -18.41 -15.80
CA ASP B 136 11.39 -17.93 -16.90
C ASP B 136 11.23 -16.44 -17.11
N ASP B 137 10.00 -15.93 -17.00
CA ASP B 137 9.76 -14.50 -17.21
C ASP B 137 10.49 -13.67 -16.16
N HIS B 138 10.32 -14.02 -14.88
CA HIS B 138 10.96 -13.26 -13.81
C HIS B 138 12.48 -13.33 -13.88
N LEU B 139 13.02 -14.46 -14.33
CA LEU B 139 14.46 -14.54 -14.53
C LEU B 139 14.90 -13.81 -15.80
N ASP B 140 13.99 -13.61 -16.75
CA ASP B 140 14.27 -12.72 -17.87
C ASP B 140 14.32 -11.27 -17.42
N THR B 141 13.34 -10.85 -16.64
CA THR B 141 13.37 -9.52 -16.03
C THR B 141 14.64 -9.33 -15.21
N MET B 142 14.99 -10.34 -14.41
CA MET B 142 16.21 -10.27 -13.61
C MET B 142 17.43 -10.03 -14.48
N ALA B 143 17.55 -10.75 -15.59
CA ALA B 143 18.71 -10.64 -16.45
C ALA B 143 18.71 -9.35 -17.26
N SER B 144 17.55 -8.96 -17.79
CA SER B 144 17.47 -7.76 -18.63
C SER B 144 17.72 -6.51 -17.82
N THR B 145 17.04 -6.40 -16.66
CA THR B 145 17.36 -5.33 -15.72
C THR B 145 18.85 -5.31 -15.39
N GLY B 146 19.49 -6.47 -15.39
CA GLY B 146 20.92 -6.57 -15.22
C GLY B 146 21.31 -6.64 -13.76
N PRO B 147 22.55 -7.02 -13.50
CA PRO B 147 23.04 -7.05 -12.13
C PRO B 147 23.50 -5.66 -11.70
N PRO B 148 23.41 -5.33 -10.41
CA PRO B 148 22.87 -6.22 -9.36
C PRO B 148 21.35 -6.22 -9.32
N VAL B 149 20.79 -7.11 -8.50
CA VAL B 149 19.35 -7.22 -8.32
C VAL B 149 19.10 -7.51 -6.85
N GLU B 150 18.04 -6.91 -6.31
CA GLU B 150 17.57 -7.26 -4.96
C GLU B 150 16.62 -8.43 -5.15
N PHE B 151 17.17 -9.64 -5.02
CA PHE B 151 16.47 -10.85 -5.46
C PHE B 151 15.14 -11.03 -4.75
N LEU B 152 15.04 -10.62 -3.49
CA LEU B 152 13.83 -10.87 -2.70
C LEU B 152 12.63 -10.10 -3.25
N ARG B 153 12.66 -8.77 -3.16
CA ARG B 153 11.50 -7.99 -3.56
C ARG B 153 11.37 -7.83 -5.07
N GLU B 154 12.45 -7.99 -5.83
CA GLU B 154 12.39 -7.79 -7.27
C GLU B 154 12.23 -9.08 -8.06
N VAL B 155 12.59 -10.23 -7.50
CA VAL B 155 12.47 -11.50 -8.21
C VAL B 155 11.63 -12.48 -7.41
N ALA B 156 12.06 -12.79 -6.18
CA ALA B 156 11.45 -13.88 -5.42
C ALA B 156 10.00 -13.58 -5.06
N GLY B 157 9.77 -12.40 -4.48
CA GLY B 157 8.43 -12.00 -4.07
C GLY B 157 7.42 -11.98 -5.21
N PRO B 158 7.73 -11.24 -6.28
CA PRO B 158 6.80 -11.25 -7.43
C PRO B 158 6.54 -12.63 -8.00
N MET B 159 7.57 -13.47 -8.06
CA MET B 159 7.40 -14.83 -8.58
C MET B 159 6.46 -15.65 -7.73
N ALA B 160 6.67 -15.64 -6.41
CA ALA B 160 5.81 -16.40 -5.50
C ALA B 160 4.36 -15.94 -5.59
N ALA B 161 4.15 -14.62 -5.66
CA ALA B 161 2.79 -14.11 -5.70
C ALA B 161 2.13 -14.36 -7.06
N ARG B 162 2.92 -14.34 -8.14
CA ARG B 162 2.36 -14.64 -9.46
C ARG B 162 1.96 -16.10 -9.56
N VAL B 163 2.79 -17.00 -9.02
CA VAL B 163 2.42 -18.42 -9.01
C VAL B 163 1.18 -18.65 -8.14
N ALA B 164 1.15 -18.03 -6.96
CA ALA B 164 0.03 -18.21 -6.05
C ALA B 164 -1.27 -17.72 -6.66
N CYS B 165 -1.23 -16.68 -7.49
CA CYS B 165 -2.45 -16.14 -8.08
C CYS B 165 -2.91 -16.97 -9.27
N GLU B 166 -1.98 -17.51 -10.05
CA GLU B 166 -2.36 -18.44 -11.11
C GLU B 166 -2.95 -19.71 -10.53
N PHE B 167 -2.42 -20.17 -9.39
CA PHE B 167 -3.00 -21.35 -8.74
C PHE B 167 -4.39 -21.07 -8.21
N LEU B 168 -4.63 -19.88 -7.66
CA LEU B 168 -5.93 -19.58 -7.07
C LEU B 168 -7.00 -19.36 -8.13
N GLY B 169 -6.62 -19.03 -9.35
CA GLY B 169 -7.60 -18.62 -10.34
C GLY B 169 -8.02 -17.18 -10.22
N ILE B 170 -7.25 -16.37 -9.51
CA ILE B 170 -7.55 -14.94 -9.38
C ILE B 170 -7.51 -14.28 -10.74
N PRO B 171 -8.41 -13.34 -11.07
CA PRO B 171 -8.25 -12.54 -12.28
C PRO B 171 -6.82 -12.02 -12.39
N LEU B 172 -6.12 -12.43 -13.45
CA LEU B 172 -4.65 -12.42 -13.43
C LEU B 172 -4.07 -11.03 -13.31
N ASP B 173 -4.83 -9.98 -13.59
CA ASP B 173 -4.32 -8.62 -13.49
C ASP B 173 -4.92 -7.84 -12.32
N ASP B 174 -5.76 -8.48 -11.52
CA ASP B 174 -6.13 -7.95 -10.20
C ASP B 174 -5.22 -8.50 -9.10
N ARG B 175 -4.16 -9.21 -9.48
CA ARG B 175 -3.28 -9.83 -8.49
C ARG B 175 -2.56 -8.79 -7.65
N GLY B 176 -1.99 -7.76 -8.30
CA GLY B 176 -1.35 -6.69 -7.55
C GLY B 176 -2.30 -6.04 -6.57
N GLU B 177 -3.55 -5.84 -6.99
CA GLU B 177 -4.53 -5.19 -6.12
C GLU B 177 -4.90 -6.08 -4.93
N LEU B 178 -5.01 -7.39 -5.16
CA LEU B 178 -5.34 -8.29 -4.06
C LEU B 178 -4.18 -8.45 -3.09
N ILE B 179 -2.94 -8.40 -3.59
CA ILE B 179 -1.79 -8.36 -2.71
C ILE B 179 -1.82 -7.10 -1.84
N ARG B 180 -2.07 -5.94 -2.47
CA ARG B 180 -2.00 -4.68 -1.74
C ARG B 180 -3.12 -4.57 -0.71
N LEU B 181 -4.31 -5.07 -1.03
CA LEU B 181 -5.44 -4.95 -0.11
C LEU B 181 -5.32 -5.90 1.08
N THR B 182 -4.57 -6.99 0.95
CA THR B 182 -4.47 -7.98 2.02
C THR B 182 -3.10 -8.02 2.68
N ALA B 183 -2.16 -7.15 2.28
CA ALA B 183 -0.86 -7.11 2.92
C ALA B 183 -1.00 -6.56 4.34
N HIS B 184 0.01 -6.86 5.17
CA HIS B 184 -0.01 -6.47 6.58
C HIS B 184 0.67 -5.12 6.83
N ARG B 185 0.72 -4.25 5.83
CA ARG B 185 1.31 -2.93 6.02
C ARG B 185 0.44 -2.12 6.98
N GLY B 186 1.06 -1.60 8.04
CA GLY B 186 0.37 -1.01 9.17
C GLY B 186 -0.55 0.16 8.87
N GLY B 187 -1.07 0.76 9.94
CA GLY B 187 -2.14 1.73 9.82
C GLY B 187 -3.47 1.02 9.99
N LYS B 188 -3.85 0.77 11.24
CA LYS B 188 -4.96 -0.13 11.52
C LYS B 188 -6.26 0.31 10.85
N ARG B 189 -6.47 1.62 10.74
CA ARG B 189 -7.62 2.10 9.98
C ARG B 189 -7.49 1.73 8.51
N ARG B 190 -6.29 1.87 7.94
CA ARG B 190 -6.06 1.47 6.56
C ARG B 190 -6.23 -0.04 6.37
N ARG B 191 -5.74 -0.83 7.33
CA ARG B 191 -5.89 -2.27 7.25
C ARG B 191 -7.36 -2.66 7.29
N VAL B 192 -8.17 -1.94 8.06
CA VAL B 192 -9.61 -2.21 8.11
C VAL B 192 -10.28 -1.77 6.80
N LEU B 193 -9.88 -0.61 6.28
CA LEU B 193 -10.45 -0.14 5.02
C LEU B 193 -10.04 -1.04 3.86
N ASN B 194 -8.78 -1.47 3.82
CA ASN B 194 -8.36 -2.44 2.82
C ASN B 194 -9.12 -3.75 2.98
N GLY B 195 -9.37 -4.17 4.22
CA GLY B 195 -10.17 -5.36 4.44
C GLY B 195 -11.59 -5.21 3.92
N HIS B 196 -12.19 -4.04 4.11
CA HIS B 196 -13.53 -3.80 3.58
C HIS B 196 -13.53 -3.84 2.06
N ALA B 197 -12.52 -3.22 1.42
CA ALA B 197 -12.48 -3.19 -0.03
C ALA B 197 -12.21 -4.57 -0.62
N TYR B 198 -11.32 -5.35 0.02
CA TYR B 198 -11.03 -6.69 -0.46
C TYR B 198 -12.24 -7.61 -0.29
N LEU B 199 -12.92 -7.53 0.86
CA LEU B 199 -14.12 -8.33 1.07
C LEU B 199 -15.20 -8.01 0.04
N ALA B 200 -15.31 -6.74 -0.34
CA ALA B 200 -16.28 -6.36 -1.36
C ALA B 200 -15.90 -6.97 -2.71
N TYR B 201 -14.62 -6.89 -3.08
CA TYR B 201 -14.16 -7.52 -4.32
C TYR B 201 -14.43 -9.01 -4.31
N MET B 202 -14.12 -9.68 -3.20
CA MET B 202 -14.31 -11.13 -3.12
C MET B 202 -15.77 -11.52 -3.20
N ARG B 203 -16.67 -10.70 -2.64
CA ARG B 203 -18.09 -10.98 -2.74
C ARG B 203 -18.57 -10.88 -4.19
N GLU B 204 -18.01 -9.95 -4.96
CA GLU B 204 -18.35 -9.87 -6.38
C GLU B 204 -17.74 -11.02 -7.15
N LEU B 205 -16.50 -11.41 -6.79
CA LEU B 205 -15.85 -12.51 -7.50
C LEU B 205 -16.49 -13.85 -7.17
N ALA B 206 -16.87 -14.06 -5.91
CA ALA B 206 -17.52 -15.30 -5.53
C ALA B 206 -18.86 -15.46 -6.24
N ALA B 207 -19.59 -14.36 -6.41
CA ALA B 207 -20.85 -14.40 -7.16
C ALA B 207 -20.60 -14.76 -8.61
N ARG B 208 -19.59 -14.14 -9.22
CA ARG B 208 -19.23 -14.48 -10.60
C ARG B 208 -18.79 -15.93 -10.71
N LEU B 209 -18.07 -16.43 -9.71
CA LEU B 209 -17.57 -17.80 -9.76
C LEU B 209 -18.68 -18.82 -9.49
N ARG B 210 -19.56 -18.54 -8.53
CA ARG B 210 -20.65 -19.47 -8.25
C ARG B 210 -21.63 -19.57 -9.41
N ARG B 211 -21.68 -18.58 -10.29
CA ARG B 211 -22.50 -18.69 -11.50
C ARG B 211 -21.79 -19.57 -12.53
N ASP B 212 -20.71 -19.07 -13.12
CA ASP B 212 -19.91 -19.82 -14.09
C ASP B 212 -18.45 -19.78 -13.65
N PRO B 213 -17.97 -20.81 -12.96
CA PRO B 213 -16.60 -20.79 -12.44
C PRO B 213 -15.55 -20.99 -13.52
N GLY B 214 -14.31 -21.19 -13.11
CA GLY B 214 -13.21 -21.41 -14.02
C GLY B 214 -12.12 -22.20 -13.34
N ASP B 215 -10.89 -22.01 -13.80
CA ASP B 215 -9.76 -22.74 -13.25
C ASP B 215 -9.34 -22.15 -11.90
N GLY B 216 -8.32 -22.73 -11.31
CA GLY B 216 -7.81 -22.27 -10.03
C GLY B 216 -8.54 -22.89 -8.86
N MET B 217 -7.92 -22.77 -7.68
CA MET B 217 -8.53 -23.30 -6.46
C MET B 217 -9.89 -22.67 -6.22
N LEU B 218 -10.02 -21.37 -6.45
CA LEU B 218 -11.29 -20.70 -6.23
C LEU B 218 -12.35 -21.17 -7.22
N GLY B 219 -11.95 -21.50 -8.45
CA GLY B 219 -12.92 -22.02 -9.41
C GLY B 219 -13.45 -23.38 -9.01
N MET B 220 -12.57 -24.25 -8.51
CA MET B 220 -13.00 -25.58 -8.12
C MET B 220 -13.87 -25.54 -6.86
N VAL B 221 -13.48 -24.75 -5.87
CA VAL B 221 -14.25 -24.65 -4.64
C VAL B 221 -15.64 -24.08 -4.93
N ALA B 222 -15.70 -23.12 -5.86
CA ALA B 222 -17.01 -22.59 -6.26
C ALA B 222 -17.79 -23.59 -7.10
N ARG B 223 -17.09 -24.44 -7.85
CA ARG B 223 -17.77 -25.44 -8.68
C ARG B 223 -18.30 -26.58 -7.84
N ASP B 224 -17.41 -27.29 -7.14
CA ASP B 224 -17.82 -28.44 -6.35
C ASP B 224 -18.69 -28.05 -5.16
N HIS B 225 -18.66 -26.78 -4.75
CA HIS B 225 -19.44 -26.33 -3.60
C HIS B 225 -20.03 -24.96 -3.90
N GLY B 226 -21.36 -24.87 -3.82
CA GLY B 226 -22.05 -23.61 -4.02
C GLY B 226 -22.90 -23.26 -2.82
N ALA B 227 -22.63 -22.09 -2.22
CA ALA B 227 -23.27 -21.66 -0.98
C ALA B 227 -22.91 -22.58 0.19
N ASP B 228 -22.26 -23.72 -0.11
CA ASP B 228 -21.65 -24.52 0.96
C ASP B 228 -20.53 -23.74 1.63
N ILE B 229 -19.87 -22.86 0.90
CA ILE B 229 -18.81 -22.01 1.44
C ILE B 229 -19.20 -20.56 1.18
N SER B 230 -18.97 -19.71 2.18
CA SER B 230 -19.36 -18.31 2.10
C SER B 230 -18.26 -17.47 1.45
N ASP B 231 -18.63 -16.25 1.08
CA ASP B 231 -17.64 -15.32 0.54
C ASP B 231 -16.56 -15.00 1.56
N GLU B 232 -16.91 -14.99 2.84
CA GLU B 232 -15.92 -14.74 3.89
C GLU B 232 -14.88 -15.86 3.92
N GLU B 233 -15.33 -17.12 3.96
CA GLU B 233 -14.40 -18.24 3.97
C GLU B 233 -13.62 -18.31 2.67
N LEU B 234 -14.25 -17.98 1.55
CA LEU B 234 -13.55 -17.95 0.27
C LEU B 234 -12.46 -16.89 0.28
N ALA B 235 -12.74 -15.72 0.86
CA ALA B 235 -11.74 -14.67 0.95
C ALA B 235 -10.64 -15.03 1.93
N GLY B 236 -10.98 -15.71 3.02
CA GLY B 236 -9.97 -16.12 3.98
C GLY B 236 -8.99 -17.11 3.40
N LEU B 237 -9.51 -18.15 2.73
CA LEU B 237 -8.66 -19.11 2.05
C LEU B 237 -7.75 -18.42 1.04
N CYS B 238 -8.33 -17.53 0.22
CA CYS B 238 -7.55 -16.85 -0.81
C CYS B 238 -6.49 -15.94 -0.19
N ALA B 239 -6.83 -15.27 0.90
CA ALA B 239 -5.90 -14.33 1.50
C ALA B 239 -4.74 -15.06 2.18
N VAL B 240 -5.02 -16.20 2.82
CA VAL B 240 -3.95 -16.99 3.43
C VAL B 240 -2.95 -17.45 2.37
N VAL B 241 -3.45 -17.76 1.18
CA VAL B 241 -2.56 -18.24 0.11
C VAL B 241 -1.65 -17.11 -0.37
N MET B 242 -2.23 -15.97 -0.75
CA MET B 242 -1.42 -14.90 -1.33
C MET B 242 -0.69 -14.06 -0.29
N ASN B 243 -0.75 -14.42 0.99
CA ASN B 243 -0.04 -13.65 2.02
C ASN B 243 1.00 -14.50 2.74
N SER B 244 0.59 -15.16 3.83
CA SER B 244 1.54 -15.92 4.63
C SER B 244 2.17 -17.06 3.83
N SER B 245 1.39 -17.67 2.93
CA SER B 245 1.93 -18.71 2.07
C SER B 245 2.93 -18.14 1.08
N VAL B 246 2.66 -16.93 0.56
CA VAL B 246 3.62 -16.27 -0.33
C VAL B 246 4.87 -15.87 0.45
N GLU B 247 4.70 -15.42 1.70
CA GLU B 247 5.84 -15.07 2.53
C GLU B 247 6.78 -16.27 2.71
N GLN B 248 6.21 -17.45 2.96
CA GLN B 248 7.04 -18.64 3.11
C GLN B 248 7.69 -19.02 1.79
N THR B 249 6.96 -18.94 0.68
CA THR B 249 7.53 -19.30 -0.60
C THR B 249 8.66 -18.36 -1.00
N GLU B 250 8.43 -17.04 -0.90
CA GLU B 250 9.48 -16.09 -1.21
C GLU B 250 10.66 -16.22 -0.26
N SER B 251 10.40 -16.59 1.00
CA SER B 251 11.50 -16.81 1.93
C SER B 251 12.33 -18.02 1.53
N CYS B 252 11.67 -19.11 1.12
CA CYS B 252 12.41 -20.27 0.64
C CYS B 252 13.19 -19.96 -0.62
N LEU B 253 12.58 -19.22 -1.56
CA LEU B 253 13.26 -18.85 -2.79
C LEU B 253 14.53 -18.04 -2.51
N ALA B 254 14.43 -17.05 -1.62
CA ALA B 254 15.57 -16.19 -1.33
C ALA B 254 16.62 -16.93 -0.52
N ALA B 255 16.25 -17.41 0.67
CA ALA B 255 17.21 -18.11 1.52
C ALA B 255 17.71 -19.40 0.86
N GLY B 256 16.87 -20.08 0.09
CA GLY B 256 17.32 -21.24 -0.64
C GLY B 256 18.36 -20.89 -1.69
N THR B 257 18.17 -19.76 -2.37
CA THR B 257 19.19 -19.28 -3.30
C THR B 257 20.50 -19.01 -2.57
N LEU B 258 20.43 -18.31 -1.44
CA LEU B 258 21.63 -18.06 -0.64
C LEU B 258 22.27 -19.37 -0.20
N LEU B 259 21.45 -20.33 0.23
CA LEU B 259 21.97 -21.61 0.69
C LEU B 259 22.71 -22.35 -0.41
N LEU B 260 22.18 -22.32 -1.63
CA LEU B 260 22.88 -22.91 -2.76
C LEU B 260 24.14 -22.11 -3.10
N LEU B 261 24.07 -20.79 -2.99
CA LEU B 261 25.24 -19.96 -3.29
C LEU B 261 26.39 -20.23 -2.34
N GLU B 262 26.08 -20.50 -1.07
CA GLU B 262 27.13 -20.76 -0.08
C GLU B 262 27.62 -22.20 -0.13
N HIS B 263 27.06 -23.03 -1.00
CA HIS B 263 27.61 -24.35 -1.32
C HIS B 263 27.76 -24.43 -2.83
N PRO B 264 28.76 -23.71 -3.38
CA PRO B 264 28.86 -23.59 -4.85
C PRO B 264 28.94 -24.91 -5.60
N GLU B 265 29.63 -25.92 -5.04
CA GLU B 265 29.72 -27.20 -5.72
C GLU B 265 28.36 -27.85 -5.88
N GLN B 266 27.44 -27.60 -4.94
CA GLN B 266 26.07 -28.10 -5.07
C GLN B 266 25.22 -27.19 -5.94
N PHE B 267 25.56 -25.90 -6.00
CA PHE B 267 24.93 -25.01 -6.98
C PHE B 267 25.21 -25.49 -8.40
N ALA B 268 26.47 -25.85 -8.68
CA ALA B 268 26.82 -26.36 -10.00
C ALA B 268 26.26 -27.75 -10.22
N LEU B 269 26.23 -28.56 -9.17
CA LEU B 269 25.71 -29.92 -9.29
C LEU B 269 24.24 -29.91 -9.69
N LEU B 270 23.46 -28.99 -9.15
CA LEU B 270 22.05 -28.90 -9.52
C LEU B 270 21.89 -28.46 -10.98
N ARG B 271 22.79 -27.63 -11.47
CA ARG B 271 22.80 -27.30 -12.90
C ARG B 271 23.23 -28.51 -13.73
N GLU B 272 24.22 -29.26 -13.24
CA GLU B 272 24.72 -30.41 -13.98
C GLU B 272 23.69 -31.53 -14.02
N ARG B 273 23.08 -31.85 -12.89
CA ARG B 273 22.10 -32.93 -12.77
C ARG B 273 20.77 -32.35 -12.31
N PRO B 274 20.01 -31.73 -13.22
CA PRO B 274 18.75 -31.10 -12.81
C PRO B 274 17.71 -32.07 -12.27
N GLU B 275 17.88 -33.38 -12.48
CA GLU B 275 16.96 -34.34 -11.86
C GLU B 275 17.07 -34.35 -10.35
N LEU B 276 18.14 -33.77 -9.79
CA LEU B 276 18.28 -33.62 -8.35
C LEU B 276 17.36 -32.58 -7.75
N GLY B 277 16.47 -31.98 -8.55
CA GLY B 277 15.67 -30.88 -8.07
C GLY B 277 14.79 -31.25 -6.88
N GLU B 278 14.07 -32.36 -6.99
CA GLU B 278 13.20 -32.79 -5.90
C GLU B 278 13.97 -33.00 -4.61
N GLN B 279 15.11 -33.68 -4.70
CA GLN B 279 15.95 -33.87 -3.52
C GLN B 279 16.49 -32.55 -2.99
N ALA B 280 16.89 -31.66 -3.90
CA ALA B 280 17.44 -30.37 -3.49
C ALA B 280 16.40 -29.56 -2.71
N VAL B 281 15.15 -29.60 -3.16
CA VAL B 281 14.10 -28.85 -2.48
C VAL B 281 13.82 -29.43 -1.10
N GLU B 282 13.72 -30.76 -1.01
CA GLU B 282 13.52 -31.40 0.29
C GLU B 282 14.67 -31.06 1.24
N GLU B 283 15.90 -30.99 0.71
CA GLU B 283 17.04 -30.64 1.54
C GLU B 283 17.02 -29.16 1.90
N ILE B 284 16.60 -28.30 0.97
CA ILE B 284 16.57 -26.86 1.24
C ILE B 284 15.54 -26.55 2.31
N VAL B 285 14.31 -27.05 2.15
CA VAL B 285 13.27 -26.75 3.14
C VAL B 285 13.63 -27.35 4.50
N ARG B 286 14.31 -28.50 4.51
CA ARG B 286 14.77 -29.06 5.78
C ARG B 286 15.84 -28.17 6.40
N TYR B 287 16.79 -27.70 5.59
CA TYR B 287 17.89 -26.89 6.14
C TYR B 287 17.40 -25.50 6.52
N LEU B 288 16.57 -24.88 5.69
CA LEU B 288 16.09 -23.54 6.00
C LEU B 288 15.17 -23.56 7.21
N SER B 289 14.13 -24.38 7.18
CA SER B 289 13.07 -24.37 8.18
C SER B 289 12.58 -22.95 8.41
N VAL B 290 12.10 -22.33 7.33
CA VAL B 290 11.59 -20.96 7.42
C VAL B 290 10.43 -20.89 8.40
N PHE B 291 9.62 -21.96 8.47
CA PHE B 291 8.61 -22.12 9.52
C PHE B 291 9.32 -22.78 10.69
N GLU B 292 10.05 -21.96 11.44
CA GLU B 292 10.91 -22.46 12.51
C GLU B 292 10.09 -23.15 13.60
N GLY B 293 9.19 -22.41 14.22
CA GLY B 293 8.39 -22.93 15.32
C GLY B 293 6.91 -22.86 14.99
N LEU B 294 6.16 -23.79 15.55
CA LEU B 294 4.72 -23.88 15.33
C LEU B 294 3.96 -23.29 16.52
N ASP B 295 2.68 -23.02 16.28
CA ASP B 295 1.79 -22.60 17.35
C ASP B 295 1.71 -23.70 18.40
N PRO B 296 1.45 -23.36 19.66
CA PRO B 296 1.45 -24.37 20.71
C PRO B 296 0.28 -25.34 20.55
N ARG B 297 0.59 -26.62 20.71
CA ARG B 297 -0.42 -27.69 20.69
C ARG B 297 -0.78 -27.99 22.15
N THR B 298 -1.74 -27.23 22.68
CA THR B 298 -2.19 -27.45 24.05
C THR B 298 -2.79 -28.83 24.19
N ALA B 299 -2.27 -29.59 25.16
CA ALA B 299 -2.70 -30.98 25.32
C ALA B 299 -4.10 -31.04 25.91
N THR B 300 -4.98 -31.79 25.25
CA THR B 300 -6.33 -31.99 25.75
C THR B 300 -6.40 -33.13 26.76
N GLU B 301 -5.37 -33.98 26.81
CA GLU B 301 -5.25 -35.03 27.81
C GLU B 301 -3.83 -35.01 28.38
N ASP B 302 -3.63 -35.75 29.45
CA ASP B 302 -2.31 -35.88 30.08
C ASP B 302 -1.56 -37.00 29.39
N VAL B 303 -0.58 -36.64 28.57
CA VAL B 303 0.13 -37.59 27.72
C VAL B 303 1.58 -37.69 28.18
N GLU B 304 2.20 -38.82 27.82
CA GLU B 304 3.61 -39.09 28.11
C GLU B 304 4.28 -39.49 26.79
N ILE B 305 4.75 -38.50 26.03
CA ILE B 305 5.46 -38.79 24.79
C ILE B 305 6.70 -39.61 25.09
N GLY B 306 7.53 -39.14 26.01
CA GLY B 306 8.62 -39.93 26.54
C GLY B 306 8.38 -40.27 28.00
N GLY B 307 9.44 -40.40 28.78
CA GLY B 307 9.27 -40.59 30.21
C GLY B 307 8.71 -39.38 30.92
N GLN B 308 8.80 -38.21 30.31
CA GLN B 308 8.34 -36.98 30.93
C GLN B 308 6.84 -36.80 30.70
N VAL B 309 6.10 -36.57 31.79
CA VAL B 309 4.65 -36.46 31.72
C VAL B 309 4.27 -35.04 31.33
N ILE B 310 3.31 -34.91 30.41
CA ILE B 310 2.78 -33.62 29.99
C ILE B 310 1.37 -33.51 30.52
N LYS B 311 1.17 -32.63 31.51
CA LYS B 311 -0.15 -32.46 32.11
C LYS B 311 -1.08 -31.72 31.15
N LYS B 312 -2.38 -31.92 31.35
CA LYS B 312 -3.38 -31.29 30.50
C LYS B 312 -3.31 -29.77 30.67
N GLY B 313 -3.04 -29.07 29.57
CA GLY B 313 -2.87 -27.63 29.58
C GLY B 313 -1.45 -27.18 29.36
N GLU B 314 -0.47 -28.03 29.60
CA GLU B 314 0.93 -27.71 29.35
C GLU B 314 1.14 -27.65 27.85
N ALA B 315 1.13 -26.43 27.30
CA ALA B 315 1.27 -26.24 25.86
C ALA B 315 2.68 -26.60 25.40
N VAL B 316 2.77 -27.46 24.40
CA VAL B 316 4.05 -27.90 23.84
C VAL B 316 4.28 -27.20 22.52
N PHE B 317 5.44 -26.57 22.39
CA PHE B 317 5.81 -25.80 21.20
C PHE B 317 6.72 -26.64 20.31
N CYS B 318 6.37 -26.74 19.03
CA CYS B 318 7.13 -27.54 18.08
C CYS B 318 8.17 -26.66 17.40
N SER B 319 9.44 -27.04 17.52
CA SER B 319 10.53 -26.37 16.82
C SER B 319 10.92 -27.24 15.63
N LEU B 320 10.28 -26.99 14.49
CA LEU B 320 10.68 -27.68 13.26
C LEU B 320 12.13 -27.41 12.93
N LEU B 321 12.64 -26.23 13.30
CA LEU B 321 14.03 -25.90 13.05
C LEU B 321 14.96 -26.85 13.80
N ALA B 322 14.62 -27.18 15.05
CA ALA B 322 15.46 -28.10 15.82
C ALA B 322 15.35 -29.53 15.30
N ALA B 323 14.12 -30.00 15.07
CA ALA B 323 13.92 -31.37 14.62
C ALA B 323 14.55 -31.60 13.24
N ASN B 324 14.68 -30.55 12.44
CA ASN B 324 15.26 -30.69 11.10
C ASN B 324 16.78 -30.51 11.08
N ARG B 325 17.36 -29.92 12.13
CA ARG B 325 18.75 -29.49 12.08
C ARG B 325 19.62 -30.01 13.23
N ALA B 326 19.15 -31.00 13.98
CA ALA B 326 19.88 -31.45 15.16
C ALA B 326 20.29 -32.92 15.07
N ASP B 327 20.54 -33.42 13.87
CA ASP B 327 21.05 -34.78 13.71
C ASP B 327 22.31 -34.79 12.86
N ASP B 331 23.88 -33.55 9.28
CA ASP B 331 23.06 -32.34 9.34
C ASP B 331 23.35 -31.39 8.18
N GLY B 332 24.60 -31.38 7.73
CA GLY B 332 25.04 -30.45 6.70
C GLY B 332 24.20 -30.46 5.44
N PHE B 333 24.32 -29.40 4.63
CA PHE B 333 23.54 -29.29 3.41
C PHE B 333 24.08 -30.26 2.36
N ASP B 334 23.17 -31.07 1.79
CA ASP B 334 23.57 -32.07 0.81
C ASP B 334 22.34 -32.41 -0.03
N ILE B 335 22.27 -31.87 -1.25
CA ILE B 335 21.13 -32.11 -2.12
C ILE B 335 21.15 -33.50 -2.75
N THR B 336 22.24 -34.25 -2.57
CA THR B 336 22.28 -35.63 -3.05
C THR B 336 21.61 -36.61 -2.10
N ARG B 337 21.25 -36.18 -0.88
CA ARG B 337 20.56 -37.07 0.05
C ARG B 337 19.25 -37.56 -0.57
N LYS B 338 18.96 -38.84 -0.36
CA LYS B 338 17.71 -39.45 -0.74
C LYS B 338 16.83 -39.62 0.48
N GLU B 339 15.51 -39.58 0.27
CA GLU B 339 14.54 -39.81 1.34
C GLU B 339 14.78 -38.88 2.53
N SER B 340 14.67 -37.59 2.26
CA SER B 340 14.89 -36.58 3.30
C SER B 340 13.92 -36.78 4.45
N ARG B 341 14.44 -36.63 5.67
CA ARG B 341 13.69 -36.89 6.89
C ARG B 341 13.54 -35.57 7.64
N HIS B 342 12.39 -34.91 7.47
CA HIS B 342 12.19 -33.58 8.03
C HIS B 342 10.70 -33.33 8.25
N VAL B 343 10.41 -32.23 8.94
CA VAL B 343 9.04 -31.83 9.23
C VAL B 343 8.85 -30.36 8.83
N ALA B 344 9.47 -29.97 7.73
CA ALA B 344 9.40 -28.57 7.29
C ALA B 344 7.99 -28.15 6.93
N PHE B 345 7.15 -29.11 6.50
CA PHE B 345 5.76 -28.82 6.14
C PHE B 345 4.79 -29.31 7.21
N GLY B 346 5.24 -29.46 8.45
CA GLY B 346 4.35 -29.86 9.53
C GLY B 346 4.01 -31.34 9.50
N HIS B 347 2.99 -31.69 10.28
CA HIS B 347 2.61 -33.09 10.45
C HIS B 347 1.25 -33.13 11.13
N GLY B 348 0.53 -34.22 10.90
CA GLY B 348 -0.79 -34.40 11.49
C GLY B 348 -1.88 -33.80 10.62
N ILE B 349 -3.03 -33.56 11.26
CA ILE B 349 -4.19 -33.02 10.55
C ILE B 349 -3.90 -31.65 9.97
N HIS B 350 -2.91 -30.93 10.51
CA HIS B 350 -2.58 -29.59 10.07
C HIS B 350 -1.36 -29.53 9.17
N HIS B 351 -0.91 -30.67 8.64
CA HIS B 351 0.27 -30.66 7.78
C HIS B 351 0.01 -29.78 6.56
N CYS B 352 1.07 -29.13 6.09
CA CYS B 352 0.97 -28.05 5.10
C CYS B 352 0.12 -28.48 3.90
N LEU B 353 -0.95 -27.73 3.66
CA LEU B 353 -1.84 -28.03 2.54
C LEU B 353 -1.23 -27.64 1.20
N GLY B 354 -0.36 -26.63 1.18
CA GLY B 354 0.26 -26.16 -0.03
C GLY B 354 1.63 -26.74 -0.35
N ALA B 355 2.05 -27.77 0.39
CA ALA B 355 3.35 -28.39 0.10
C ALA B 355 3.47 -28.89 -1.33
N PRO B 356 2.46 -29.50 -1.96
CA PRO B 356 2.62 -29.87 -3.38
C PRO B 356 2.97 -28.69 -4.27
N LEU B 357 2.27 -27.57 -4.14
CA LEU B 357 2.59 -26.40 -4.95
C LEU B 357 3.95 -25.84 -4.57
N ALA B 358 4.24 -25.75 -3.27
CA ALA B 358 5.51 -25.20 -2.82
C ALA B 358 6.69 -26.00 -3.36
N ARG B 359 6.67 -27.32 -3.15
CA ARG B 359 7.72 -28.17 -3.70
C ARG B 359 7.83 -27.98 -5.22
N MET B 360 6.69 -28.03 -5.90
CA MET B 360 6.67 -27.87 -7.36
C MET B 360 7.31 -26.54 -7.77
N GLU B 361 6.90 -25.43 -7.14
CA GLU B 361 7.40 -24.12 -7.54
C GLU B 361 8.88 -23.95 -7.17
N LEU B 362 9.28 -24.46 -6.00
CA LEU B 362 10.68 -24.33 -5.60
C LEU B 362 11.60 -25.12 -6.53
N ARG B 363 11.19 -26.32 -6.92
CA ARG B 363 12.01 -27.13 -7.83
C ARG B 363 12.20 -26.41 -9.16
N ILE B 364 11.12 -25.90 -9.75
CA ILE B 364 11.23 -25.21 -11.03
C ILE B 364 12.09 -23.97 -10.89
N ALA B 365 11.93 -23.23 -9.79
CA ALA B 365 12.68 -21.98 -9.62
C ALA B 365 14.16 -22.25 -9.39
N PHE B 366 14.48 -23.16 -8.46
CA PHE B 366 15.88 -23.41 -8.12
C PHE B 366 16.65 -23.99 -9.29
N THR B 367 16.05 -24.96 -10.00
CA THR B 367 16.75 -25.59 -11.11
C THR B 367 16.89 -24.63 -12.29
N THR B 368 15.85 -23.83 -12.56
CA THR B 368 15.95 -22.83 -13.61
C THR B 368 16.97 -21.76 -13.25
N LEU B 369 17.02 -21.37 -11.97
CA LEU B 369 17.94 -20.31 -11.56
C LEU B 369 19.39 -20.75 -11.72
N VAL B 370 19.72 -21.95 -11.24
CA VAL B 370 21.13 -22.37 -11.22
C VAL B 370 21.65 -22.58 -12.65
N SER B 371 20.79 -22.94 -13.59
CA SER B 371 21.24 -23.10 -14.97
C SER B 371 21.24 -21.80 -15.75
N ARG B 372 20.45 -20.82 -15.32
CA ARG B 372 20.39 -19.53 -16.00
C ARG B 372 21.47 -18.57 -15.51
N PHE B 373 21.91 -18.72 -14.27
CA PHE B 373 22.90 -17.83 -13.66
C PHE B 373 24.00 -18.66 -13.02
N PRO B 374 24.90 -19.25 -13.84
CA PRO B 374 25.99 -20.03 -13.26
C PRO B 374 26.94 -19.19 -12.42
N SER B 375 27.18 -17.94 -12.81
CA SER B 375 28.08 -17.04 -12.10
C SER B 375 27.38 -16.26 -11.00
N LEU B 376 26.13 -16.61 -10.68
CA LEU B 376 25.39 -15.92 -9.64
C LEU B 376 26.16 -15.91 -8.32
N ARG B 377 26.15 -14.77 -7.65
CA ARG B 377 26.78 -14.61 -6.35
C ARG B 377 26.08 -13.47 -5.62
N THR B 378 26.40 -13.32 -4.35
CA THR B 378 25.87 -12.20 -3.58
C THR B 378 26.63 -10.93 -3.92
N ALA B 379 25.89 -9.81 -4.00
CA ALA B 379 26.50 -8.53 -4.30
C ALA B 379 27.15 -7.88 -3.09
N VAL B 380 26.86 -8.36 -1.89
CA VAL B 380 27.43 -7.80 -0.67
C VAL B 380 28.18 -8.92 0.05
N PRO B 381 29.09 -8.57 0.95
CA PRO B 381 29.72 -9.59 1.80
C PRO B 381 28.68 -10.28 2.66
N ALA B 382 28.96 -11.54 3.00
CA ALA B 382 27.99 -12.36 3.73
C ALA B 382 27.56 -11.71 5.04
N GLU B 383 28.43 -10.92 5.65
CA GLU B 383 28.09 -10.26 6.91
C GLU B 383 26.98 -9.24 6.72
N GLU B 384 27.00 -8.53 5.59
CA GLU B 384 25.99 -7.52 5.30
C GLU B 384 24.63 -8.13 4.99
N ILE B 385 24.56 -9.43 4.74
CA ILE B 385 23.28 -10.12 4.59
C ILE B 385 22.53 -10.01 5.91
N ARG B 386 21.42 -9.27 5.91
CA ARG B 386 20.61 -9.08 7.10
C ARG B 386 19.47 -10.09 7.13
N PHE B 387 19.26 -10.69 8.28
CA PHE B 387 18.16 -11.62 8.49
C PHE B 387 17.11 -10.97 9.37
N ARG B 388 15.87 -11.41 9.20
CA ARG B 388 14.79 -10.95 10.05
C ARG B 388 15.13 -11.20 11.52
N PRO B 389 14.90 -10.23 12.41
CA PRO B 389 15.15 -10.49 13.82
C PRO B 389 14.17 -11.54 14.34
N PRO B 390 14.58 -12.32 15.36
CA PRO B 390 13.71 -13.40 15.86
C PRO B 390 12.32 -12.92 16.27
N SER B 391 11.34 -13.07 15.37
CA SER B 391 9.99 -12.55 15.59
C SER B 391 8.94 -13.65 15.52
N SER B 392 9.35 -14.92 15.59
CA SER B 392 8.45 -16.07 15.75
C SER B 392 7.55 -16.33 14.55
N ASN B 393 7.41 -15.36 13.65
CA ASN B 393 6.54 -15.49 12.47
C ASN B 393 7.43 -15.58 11.23
N VAL B 394 7.74 -16.83 10.83
CA VAL B 394 8.59 -17.21 9.70
C VAL B 394 9.98 -16.61 9.80
N PHE B 395 10.93 -17.22 9.10
CA PHE B 395 12.32 -16.78 9.06
C PHE B 395 12.66 -16.40 7.63
N THR B 396 13.31 -15.25 7.45
CA THR B 396 13.57 -14.76 6.11
C THR B 396 14.72 -13.76 6.10
N LEU B 397 15.26 -13.55 4.92
CA LEU B 397 16.19 -12.45 4.68
C LEU B 397 15.43 -11.13 4.67
N LEU B 398 16.12 -10.06 5.06
CA LEU B 398 15.57 -8.73 4.83
C LEU B 398 15.71 -8.32 3.37
N GLU B 399 16.81 -8.71 2.73
CA GLU B 399 17.04 -8.51 1.31
C GLU B 399 18.21 -9.40 0.89
N LEU B 400 18.29 -9.66 -0.41
CA LEU B 400 19.35 -10.51 -0.96
C LEU B 400 19.95 -9.85 -2.19
N PRO B 401 20.96 -8.99 -2.00
CA PRO B 401 21.64 -8.37 -3.15
C PRO B 401 22.47 -9.42 -3.90
N LEU B 402 22.10 -9.64 -5.16
CA LEU B 402 22.76 -10.64 -5.99
C LEU B 402 23.30 -10.01 -7.27
N THR B 403 24.43 -10.54 -7.73
CA THR B 403 25.00 -10.17 -9.01
C THR B 403 25.47 -11.43 -9.73
N TRP B 404 26.00 -11.25 -10.93
CA TRP B 404 26.50 -12.38 -11.72
C TRP B 404 27.45 -11.91 -12.81
CHA HEM C . 0.28 -25.00 6.95
CHB HEM C . -0.72 -23.44 2.46
CHC HEM C . 4.02 -23.12 1.53
CHD HEM C . 5.03 -24.65 6.01
C1A HEM C . -0.41 -24.59 5.83
C2A HEM C . -1.84 -24.50 5.70
C3A HEM C . -2.12 -24.06 4.46
C4A HEM C . -0.87 -23.88 3.76
CMA HEM C . -3.53 -23.80 3.87
CAA HEM C . -2.88 -24.82 6.80
CBA HEM C . -3.39 -26.23 6.59
CGA HEM C . -4.20 -26.67 7.80
O1A HEM C . -4.96 -27.66 7.68
O2A HEM C . -4.08 -26.01 8.86
C1B HEM C . 0.47 -23.24 1.80
C2B HEM C . 0.63 -22.86 0.41
C3B HEM C . 1.96 -22.78 0.16
C4B HEM C . 2.65 -23.11 1.38
CMB HEM C . -0.55 -22.62 -0.55
CAB HEM C . 2.72 -22.42 -1.14
CBB HEM C . 2.15 -22.09 -2.30
C1C HEM C . 4.71 -23.48 2.66
C2C HEM C . 6.15 -23.44 2.82
C3C HEM C . 6.45 -23.84 4.05
C4C HEM C . 5.21 -24.17 4.73
CMC HEM C . 7.16 -22.97 1.74
CAC HEM C . 7.90 -23.93 4.60
CBC HEM C . 8.19 -24.25 5.86
C1D HEM C . 3.84 -24.92 6.64
C2D HEM C . 3.69 -25.54 7.94
C3D HEM C . 2.38 -25.64 8.21
C4D HEM C . 1.65 -25.10 7.08
CMD HEM C . 4.84 -26.01 8.86
CAD HEM C . 1.76 -26.25 9.49
CBD HEM C . 1.73 -25.19 10.59
CGD HEM C . 1.23 -25.81 11.88
O1D HEM C . 1.24 -25.11 12.92
O2D HEM C . 0.82 -27.00 11.86
NA HEM C . 0.15 -24.21 4.63
NB HEM C . 1.73 -23.39 2.37
NC HEM C . 4.17 -23.94 3.85
ND HEM C . 2.58 -24.67 6.15
FE HEM C . 2.15 -24.09 4.26
#